data_2PCP
#
_entry.id   2PCP
#
_cell.length_a   53.460
_cell.length_b   67.720
_cell.length_c   68.040
_cell.angle_alpha   62.11
_cell.angle_beta   84.66
_cell.angle_gamma   83.17
#
_symmetry.space_group_name_H-M   'P 1'
#
loop_
_entity.id
_entity.type
_entity.pdbx_description
1 polymer IMMUNOGLOBULIN
2 polymer IMMUNOGLOBULIN
3 non-polymer 1-(PHENYL-1-CYCLOHEXYL)PIPERIDINE
4 water water
#
loop_
_entity_poly.entity_id
_entity_poly.type
_entity_poly.pdbx_seq_one_letter_code
_entity_poly.pdbx_strand_id
1 'polypeptide(L)'
;DVLMTQTPLSLPVSLGDQASISCRSSQTIVHSNGNTYLEWYLQKPGQSPKLLIYKVTNRFSGVPDRFSGSGSGTDFTLKI
SRVEAEDLGVYYCFQGTHAPYTFGGGTKLEIKRADAAPTVSIFPPSSEQLTSGGASVVCFLNNFYPKDINVKWKIDGSER
QNGVLNSWTDQDSKDSTYSMSSTLTLTKDEYERHNSYTCEATHKTSTSPIVKSFNR
;
A,C
2 'polypeptide(L)'
;EVQLQQSGPELVKPGASVKMSCKASGYTFTDYYIHWNKQSHGKSLEWIGYIYPNNGGNGYNHKFKGKATLTVDKSSSTAY
MDVRTLTSEDSAVYYCGRSTWDDFDYWGQGTTLTVSSAKTTPPSVYPLAPGSAAQTNSMVTLGCLVKGYFPEPVTLTWNS
GSLSSGVHTFPAVLQSDLYTLSSSVTVTSSPRPSETVTCNVAHPASSTKVDKKIV
;
B,D
#
loop_
_chem_comp.id
_chem_comp.type
_chem_comp.name
_chem_comp.formula
1PC non-polymer 1-(PHENYL-1-CYCLOHEXYL)PIPERIDINE 'C17 H25 N'
#
# COMPACT_ATOMS: atom_id res chain seq x y z
N ASP A 1 -30.52 51.62 6.12
CA ASP A 1 -30.22 50.17 6.29
C ASP A 1 -29.38 50.04 7.55
N VAL A 2 -29.79 49.17 8.45
CA VAL A 2 -29.05 48.98 9.71
C VAL A 2 -27.97 47.85 9.62
N LEU A 3 -26.72 48.20 9.92
CA LEU A 3 -25.62 47.24 9.85
C LEU A 3 -25.56 46.24 11.02
N MET A 4 -25.36 44.95 10.73
CA MET A 4 -25.28 43.95 11.80
C MET A 4 -23.90 43.32 11.69
N THR A 5 -23.13 43.37 12.78
CA THR A 5 -21.75 42.82 12.83
C THR A 5 -21.64 41.64 13.80
N GLN A 6 -21.28 40.48 13.30
CA GLN A 6 -21.21 39.30 14.14
C GLN A 6 -19.81 38.83 14.47
N THR A 7 -19.39 39.08 15.71
CA THR A 7 -18.07 38.67 16.19
C THR A 7 -18.32 37.52 17.16
N PRO A 8 -17.51 36.46 17.09
CA PRO A 8 -16.37 36.19 16.20
C PRO A 8 -16.84 35.61 14.85
N LEU A 9 -16.02 35.74 13.82
CA LEU A 9 -16.37 35.17 12.51
C LEU A 9 -16.33 33.66 12.62
N SER A 10 -15.35 33.17 13.37
CA SER A 10 -15.19 31.73 13.59
C SER A 10 -14.86 31.49 15.06
N LEU A 11 -15.64 30.63 15.73
CA LEU A 11 -15.44 30.29 17.15
C LEU A 11 -15.25 28.78 17.38
N PRO A 12 -14.02 28.34 17.64
CA PRO A 12 -13.72 26.92 17.89
C PRO A 12 -13.91 26.67 19.38
N VAL A 13 -14.57 25.56 19.72
CA VAL A 13 -14.82 25.20 21.13
C VAL A 13 -14.87 23.69 21.30
N SER A 14 -14.54 23.22 22.49
CA SER A 14 -14.57 21.78 22.75
C SER A 14 -15.90 21.37 23.35
N LEU A 15 -16.12 20.07 23.58
CA LEU A 15 -17.41 19.60 24.07
C LEU A 15 -17.64 19.76 25.56
N GLY A 16 -18.82 20.30 25.87
CA GLY A 16 -19.17 20.55 27.24
C GLY A 16 -18.75 21.97 27.58
N ASP A 17 -18.08 22.63 26.64
CA ASP A 17 -17.65 24.00 26.87
C ASP A 17 -18.74 25.03 26.63
N GLN A 18 -18.45 26.30 26.91
CA GLN A 18 -19.42 27.39 26.70
C GLN A 18 -19.00 28.25 25.53
N ALA A 19 -19.99 28.82 24.85
CA ALA A 19 -19.73 29.61 23.66
C ALA A 19 -20.50 30.90 23.71
N SER A 20 -19.90 31.97 23.21
CA SER A 20 -20.58 33.22 23.19
C SER A 20 -20.34 33.89 21.85
N ILE A 21 -21.45 34.08 21.12
CA ILE A 21 -21.49 34.75 19.81
C ILE A 21 -22.12 36.17 19.99
N SER A 22 -21.36 37.20 19.67
CA SER A 22 -21.86 38.55 19.79
C SER A 22 -22.38 39.06 18.43
N CYS A 23 -23.30 40.01 18.52
CA CYS A 23 -23.91 40.67 17.37
C CYS A 23 -24.24 42.07 17.86
N ARG A 24 -23.82 43.08 17.11
CA ARG A 24 -24.07 44.45 17.45
C ARG A 24 -24.72 45.17 16.28
N SER A 25 -25.53 46.18 16.62
CA SER A 25 -26.27 47.00 15.67
C SER A 25 -25.67 48.39 15.50
N SER A 26 -25.59 48.82 14.24
CA SER A 26 -25.07 50.15 13.91
C SER A 26 -25.83 51.20 14.69
N GLN A 27 -27.07 50.87 15.06
CA GLN A 27 -27.93 51.80 15.80
C GLN A 27 -29.01 50.99 16.42
N THR A 28 -29.60 51.55 17.46
CA THR A 28 -30.68 50.92 18.22
C THR A 28 -31.68 50.17 17.34
N ILE A 29 -32.06 48.98 17.78
CA ILE A 29 -33.05 48.23 17.02
C ILE A 29 -34.20 47.92 17.94
N VAL A 30 -34.33 48.78 18.94
CA VAL A 30 -35.41 48.68 19.89
C VAL A 30 -36.61 49.30 19.11
N HIS A 31 -37.69 48.57 18.89
CA HIS A 31 -38.82 49.11 18.13
C HIS A 31 -39.65 50.06 19.00
N SER A 32 -40.41 50.94 18.37
CA SER A 32 -41.22 51.90 19.12
C SER A 32 -42.34 51.20 19.88
N ASN A 33 -42.70 50.00 19.48
CA ASN A 33 -43.73 49.27 20.19
C ASN A 33 -43.20 48.86 21.53
N GLY A 34 -41.92 49.14 21.73
CA GLY A 34 -41.25 48.75 22.94
C GLY A 34 -40.89 47.26 22.86
N ASN A 35 -40.13 46.89 21.86
CA ASN A 35 -39.73 45.49 21.68
C ASN A 35 -38.48 45.47 20.86
N THR A 36 -37.66 44.46 21.05
CA THR A 36 -36.45 44.40 20.24
C THR A 36 -36.54 43.15 19.42
N TYR A 37 -36.51 43.34 18.12
CA TYR A 37 -36.61 42.27 17.15
C TYR A 37 -35.22 41.86 16.63
N LEU A 38 -34.58 41.04 17.45
CA LEU A 38 -33.29 40.51 17.09
C LEU A 38 -33.53 39.04 17.13
N GLU A 39 -33.17 38.34 16.06
CA GLU A 39 -33.38 36.90 16.01
C GLU A 39 -32.10 36.12 15.92
N TRP A 40 -32.10 34.89 16.39
CA TRP A 40 -30.93 34.01 16.31
C TRP A 40 -31.24 32.77 15.49
N TYR A 41 -30.52 32.61 14.41
CA TYR A 41 -30.73 31.48 13.51
C TYR A 41 -29.52 30.56 13.50
N LEU A 42 -29.74 29.26 13.41
CA LEU A 42 -28.65 28.30 13.34
C LEU A 42 -28.86 27.54 12.08
N GLN A 43 -27.94 27.75 11.18
CA GLN A 43 -27.98 27.05 9.92
C GLN A 43 -26.98 25.94 9.92
N LYS A 44 -27.46 24.72 9.80
CA LYS A 44 -26.56 23.58 9.74
C LYS A 44 -26.22 23.45 8.27
N PRO A 45 -25.04 22.88 7.99
CA PRO A 45 -24.64 22.72 6.58
C PRO A 45 -25.55 21.76 5.82
N GLY A 46 -25.89 22.18 4.60
CA GLY A 46 -26.76 21.40 3.73
C GLY A 46 -28.18 21.55 4.22
N GLN A 47 -28.43 22.69 4.88
CA GLN A 47 -29.72 22.99 5.45
C GLN A 47 -30.06 24.46 5.31
N SER A 48 -31.19 24.81 5.89
CA SER A 48 -31.69 26.16 5.89
C SER A 48 -31.61 26.67 7.33
N PRO A 49 -31.58 28.01 7.52
CA PRO A 49 -31.52 28.54 8.88
C PRO A 49 -32.80 28.22 9.64
N LYS A 50 -32.66 27.78 10.87
CA LYS A 50 -33.82 27.45 11.68
C LYS A 50 -33.77 28.44 12.86
N LEU A 51 -34.92 28.73 13.43
CA LEU A 51 -35.02 29.69 14.53
C LEU A 51 -34.77 29.08 15.91
N LEU A 52 -33.89 29.74 16.66
CA LEU A 52 -33.49 29.36 18.00
C LEU A 52 -34.02 30.38 19.01
N ILE A 53 -33.69 31.64 18.79
CA ILE A 53 -34.11 32.71 19.67
C ILE A 53 -34.77 33.85 18.91
N TYR A 54 -35.96 34.26 19.38
CA TYR A 54 -36.75 35.39 18.86
C TYR A 54 -36.94 36.41 19.96
N LYS A 55 -36.85 37.68 19.60
CA LYS A 55 -36.97 38.82 20.51
C LYS A 55 -35.96 38.78 21.64
N VAL A 56 -34.70 38.64 21.23
CA VAL A 56 -33.51 38.60 22.09
C VAL A 56 -33.29 37.45 23.09
N THR A 57 -34.31 37.30 23.93
CA THR A 57 -34.42 36.42 25.10
C THR A 57 -35.22 35.12 25.03
N ASN A 58 -36.16 35.08 24.10
CA ASN A 58 -37.06 33.96 24.04
C ASN A 58 -36.51 32.85 23.20
N ARG A 59 -36.87 31.63 23.57
CA ARG A 59 -36.39 30.46 22.87
C ARG A 59 -37.55 29.81 22.10
N PHE A 60 -37.30 29.37 20.88
CA PHE A 60 -38.33 28.74 20.07
C PHE A 60 -38.74 27.37 20.60
N SER A 61 -39.97 26.97 20.29
CA SER A 61 -40.53 25.68 20.68
C SER A 61 -39.66 24.45 20.29
N GLY A 62 -39.21 23.69 21.29
CA GLY A 62 -38.39 22.52 21.00
C GLY A 62 -36.89 22.73 20.88
N VAL A 63 -36.42 23.96 21.06
CA VAL A 63 -35.00 24.30 21.01
C VAL A 63 -34.46 23.97 22.41
N PRO A 64 -33.30 23.29 22.52
CA PRO A 64 -32.77 22.94 23.82
C PRO A 64 -32.44 24.16 24.65
N ASP A 65 -32.57 24.00 25.97
CA ASP A 65 -32.36 25.08 26.91
C ASP A 65 -30.97 25.63 27.02
N ARG A 66 -29.99 24.90 26.47
CA ARG A 66 -28.57 25.31 26.51
C ARG A 66 -28.29 26.63 25.78
N PHE A 67 -29.15 26.97 24.82
CA PHE A 67 -29.04 28.23 24.07
C PHE A 67 -29.84 29.29 24.81
N SER A 68 -29.24 30.44 25.02
CA SER A 68 -29.87 31.56 25.71
C SER A 68 -29.32 32.84 25.07
N GLY A 69 -30.22 33.75 24.71
CA GLY A 69 -29.73 34.96 24.10
C GLY A 69 -30.04 36.08 25.04
N SER A 70 -29.35 37.19 24.89
CA SER A 70 -29.63 38.35 25.72
C SER A 70 -28.93 39.47 25.08
N GLY A 71 -29.11 40.66 25.62
CA GLY A 71 -28.44 41.78 25.05
C GLY A 71 -29.12 43.05 25.48
N SER A 72 -28.57 44.18 25.10
CA SER A 72 -29.12 45.48 25.44
C SER A 72 -29.28 46.15 24.08
N GLY A 73 -30.40 46.78 23.80
CA GLY A 73 -30.59 47.48 22.53
C GLY A 73 -29.60 47.45 21.34
N THR A 74 -28.32 47.68 21.61
CA THR A 74 -27.29 47.70 20.58
C THR A 74 -26.34 46.47 20.56
N ASP A 75 -26.17 45.80 21.70
CA ASP A 75 -25.29 44.63 21.81
C ASP A 75 -26.07 43.41 22.23
N PHE A 76 -25.97 42.36 21.45
CA PHE A 76 -26.65 41.12 21.76
C PHE A 76 -25.60 40.03 21.85
N THR A 77 -25.96 38.95 22.54
CA THR A 77 -25.09 37.81 22.76
C THR A 77 -25.94 36.55 22.72
N LEU A 78 -25.53 35.55 21.96
CA LEU A 78 -26.22 34.26 21.95
C LEU A 78 -25.29 33.49 22.88
N LYS A 79 -25.82 32.66 23.77
CA LYS A 79 -24.97 31.94 24.67
C LYS A 79 -25.28 30.47 24.68
N ILE A 80 -24.21 29.68 24.67
CA ILE A 80 -24.38 28.23 24.68
C ILE A 80 -23.59 27.63 25.86
N SER A 81 -24.27 26.80 26.65
CA SER A 81 -23.71 26.16 27.85
C SER A 81 -23.42 24.69 27.57
N ARG A 82 -22.16 24.34 27.46
CA ARG A 82 -21.85 22.96 27.13
C ARG A 82 -22.23 22.70 25.67
N VAL A 83 -21.34 23.15 24.79
CA VAL A 83 -21.49 22.98 23.36
C VAL A 83 -21.62 21.49 23.16
N GLU A 84 -22.50 21.10 22.26
CA GLU A 84 -22.65 19.70 21.97
C GLU A 84 -22.21 19.56 20.52
N ALA A 85 -22.16 18.33 19.98
CA ALA A 85 -21.69 18.17 18.60
C ALA A 85 -22.62 18.70 17.55
N GLU A 86 -23.91 18.47 17.77
CA GLU A 86 -24.93 18.90 16.84
C GLU A 86 -25.09 20.40 16.78
N ASP A 87 -24.16 21.13 17.40
CA ASP A 87 -24.22 22.59 17.45
C ASP A 87 -23.39 23.25 16.37
N LEU A 88 -22.90 22.44 15.44
CA LEU A 88 -22.09 22.94 14.32
C LEU A 88 -23.02 23.68 13.36
N GLY A 89 -22.49 24.65 12.64
CA GLY A 89 -23.35 25.36 11.71
C GLY A 89 -23.01 26.81 11.76
N VAL A 90 -23.70 27.65 11.01
CA VAL A 90 -23.40 29.07 11.08
C VAL A 90 -24.54 29.71 11.86
N TYR A 91 -24.14 30.56 12.80
CA TYR A 91 -25.10 31.24 13.68
C TYR A 91 -25.34 32.62 13.12
N TYR A 92 -26.61 33.00 13.05
CA TYR A 92 -26.98 34.32 12.52
C TYR A 92 -27.89 35.10 13.44
N CYS A 93 -27.68 36.40 13.48
CA CYS A 93 -28.53 37.32 14.26
C CYS A 93 -29.26 38.14 13.15
N PHE A 94 -30.52 38.48 13.41
CA PHE A 94 -31.38 39.19 12.47
C PHE A 94 -32.13 40.31 13.15
N GLN A 95 -32.33 41.40 12.41
CA GLN A 95 -33.10 42.54 12.94
C GLN A 95 -34.32 42.91 12.09
N GLY A 96 -35.50 42.67 12.63
CA GLY A 96 -36.72 42.99 11.94
C GLY A 96 -37.35 44.22 12.56
N THR A 97 -36.55 45.26 12.84
CA THR A 97 -37.07 46.49 13.45
C THR A 97 -37.00 47.61 12.46
N HIS A 98 -35.83 47.85 11.89
CA HIS A 98 -35.71 48.91 10.89
C HIS A 98 -35.66 48.24 9.51
N ALA A 99 -36.22 48.89 8.51
CA ALA A 99 -36.23 48.30 7.17
C ALA A 99 -35.21 49.01 6.29
N PRO A 100 -34.53 48.26 5.38
CA PRO A 100 -34.68 46.82 5.15
C PRO A 100 -34.05 45.97 6.24
N TYR A 101 -34.65 44.82 6.46
CA TYR A 101 -34.23 43.89 7.49
C TYR A 101 -32.90 43.22 7.25
N THR A 102 -31.94 43.51 8.13
CA THR A 102 -30.60 42.96 7.96
C THR A 102 -30.22 41.75 8.77
N PHE A 103 -29.30 40.96 8.20
CA PHE A 103 -28.79 39.77 8.85
C PHE A 103 -27.35 40.01 9.18
N GLY A 104 -26.92 39.50 10.33
CA GLY A 104 -25.53 39.63 10.71
C GLY A 104 -24.76 38.64 9.89
N GLY A 105 -23.49 38.96 9.64
CA GLY A 105 -22.63 38.08 8.85
C GLY A 105 -22.66 36.58 9.15
N GLY A 106 -22.67 36.18 10.40
CA GLY A 106 -22.67 34.74 10.67
C GLY A 106 -21.47 34.35 11.51
N THR A 107 -21.52 33.16 12.09
CA THR A 107 -20.44 32.73 12.93
C THR A 107 -20.29 31.21 12.84
N LYS A 108 -19.03 30.78 12.71
CA LYS A 108 -18.72 29.38 12.60
C LYS A 108 -18.35 28.69 13.92
N LEU A 109 -19.14 27.68 14.26
CA LEU A 109 -18.96 26.89 15.46
C LEU A 109 -18.41 25.51 15.04
N GLU A 110 -17.11 25.39 14.90
CA GLU A 110 -16.53 24.09 14.59
C GLU A 110 -16.33 23.56 16.02
N ILE A 111 -16.15 22.26 16.20
CA ILE A 111 -15.96 21.69 17.54
C ILE A 111 -14.60 21.05 17.79
N LYS A 112 -13.86 21.65 18.70
CA LYS A 112 -12.54 21.15 19.10
C LYS A 112 -12.63 19.80 19.83
N ARG A 113 -11.62 18.98 19.61
CA ARG A 113 -11.57 17.65 20.23
C ARG A 113 -10.14 17.07 20.17
N ALA A 114 -10.04 15.75 20.24
CA ALA A 114 -8.76 15.09 20.15
C ALA A 114 -8.35 14.88 18.71
N ASP A 115 -7.10 15.25 18.40
CA ASP A 115 -6.53 15.05 17.08
C ASP A 115 -6.80 13.64 16.56
N ALA A 116 -6.99 13.48 15.26
CA ALA A 116 -7.22 12.16 14.70
C ALA A 116 -6.47 12.10 13.42
N ALA A 117 -5.73 11.00 13.24
CA ALA A 117 -4.97 10.83 12.01
C ALA A 117 -5.97 10.25 11.02
N PRO A 118 -5.98 10.77 9.78
CA PRO A 118 -6.83 10.38 8.68
C PRO A 118 -6.64 8.99 8.13
N THR A 119 -7.73 8.29 7.91
CA THR A 119 -7.66 7.00 7.31
C THR A 119 -7.52 7.33 5.83
N VAL A 120 -6.30 7.17 5.30
CA VAL A 120 -6.01 7.49 3.88
C VAL A 120 -6.23 6.37 2.86
N SER A 121 -6.93 6.69 1.78
CA SER A 121 -7.21 5.72 0.73
C SER A 121 -6.85 6.27 -0.66
N ILE A 122 -6.23 5.42 -1.49
CA ILE A 122 -5.82 5.76 -2.86
C ILE A 122 -6.54 4.85 -3.86
N PHE A 123 -6.92 5.46 -4.97
CA PHE A 123 -7.68 4.82 -6.00
C PHE A 123 -7.10 5.12 -7.39
N PRO A 124 -6.74 4.07 -8.16
CA PRO A 124 -6.20 4.33 -9.50
C PRO A 124 -7.37 4.62 -10.45
N PRO A 125 -7.07 4.98 -11.72
CA PRO A 125 -8.16 5.26 -12.65
C PRO A 125 -8.95 3.99 -12.89
N SER A 126 -10.25 4.14 -12.71
CA SER A 126 -11.20 3.05 -12.94
C SER A 126 -11.09 2.70 -14.43
N SER A 127 -11.50 1.49 -14.80
CA SER A 127 -11.42 1.00 -16.18
C SER A 127 -12.08 1.83 -17.29
N GLU A 128 -13.33 2.26 -17.07
CA GLU A 128 -14.07 3.09 -18.04
C GLU A 128 -13.42 4.43 -18.36
N GLN A 129 -12.79 5.04 -17.37
CA GLN A 129 -12.15 6.31 -17.62
C GLN A 129 -10.99 6.16 -18.61
N LEU A 130 -10.27 5.02 -18.56
CA LEU A 130 -9.17 4.77 -19.52
C LEU A 130 -9.71 4.54 -20.91
N THR A 131 -10.66 3.59 -21.03
CA THR A 131 -11.32 3.23 -22.30
C THR A 131 -11.86 4.50 -22.92
N SER A 132 -12.39 5.38 -22.06
CA SER A 132 -12.90 6.64 -22.54
C SER A 132 -11.83 7.67 -22.83
N GLY A 133 -10.67 7.58 -22.19
CA GLY A 133 -9.58 8.53 -22.49
C GLY A 133 -8.98 9.49 -21.45
N GLY A 134 -9.45 9.46 -20.21
CA GLY A 134 -8.88 10.33 -19.20
C GLY A 134 -8.42 9.49 -18.02
N ALA A 135 -7.66 10.08 -17.12
CA ALA A 135 -7.21 9.38 -15.92
C ALA A 135 -7.34 10.25 -14.67
N SER A 136 -8.05 9.73 -13.67
CA SER A 136 -8.27 10.40 -12.37
C SER A 136 -7.83 9.54 -11.18
N VAL A 137 -6.77 9.98 -10.53
CA VAL A 137 -6.26 9.26 -9.39
C VAL A 137 -6.91 9.94 -8.19
N VAL A 138 -7.64 9.18 -7.40
CA VAL A 138 -8.37 9.73 -6.27
C VAL A 138 -7.77 9.30 -4.94
N CYS A 139 -7.95 10.14 -3.92
CA CYS A 139 -7.46 9.85 -2.56
C CYS A 139 -8.36 10.41 -1.47
N PHE A 140 -8.98 9.51 -0.73
CA PHE A 140 -9.86 9.86 0.39
C PHE A 140 -9.16 9.77 1.77
N LEU A 141 -8.94 10.95 2.35
CA LEU A 141 -8.38 11.13 3.67
C LEU A 141 -9.63 11.40 4.54
N ASN A 142 -10.11 10.35 5.19
CA ASN A 142 -11.30 10.43 6.03
C ASN A 142 -11.06 10.53 7.53
N ASN A 143 -12.14 10.97 8.20
CA ASN A 143 -12.16 11.08 9.63
C ASN A 143 -10.91 11.65 10.27
N PHE A 144 -10.59 12.91 10.01
CA PHE A 144 -9.43 13.50 10.63
C PHE A 144 -9.73 14.71 11.50
N TYR A 145 -8.68 15.25 12.12
CA TYR A 145 -8.73 16.47 12.95
C TYR A 145 -7.37 16.74 13.57
N PRO A 146 -6.93 18.02 13.61
CA PRO A 146 -7.54 19.25 13.15
C PRO A 146 -7.65 19.34 11.62
N LYS A 147 -8.26 20.44 11.14
CA LYS A 147 -8.52 20.73 9.71
C LYS A 147 -7.28 20.94 8.87
N ASP A 148 -6.35 21.79 9.30
CA ASP A 148 -5.13 21.96 8.51
C ASP A 148 -4.44 20.59 8.38
N ILE A 149 -4.42 20.07 7.17
CA ILE A 149 -3.80 18.80 6.86
C ILE A 149 -3.60 18.79 5.36
N ASN A 150 -2.32 18.89 5.03
CA ASN A 150 -1.85 18.98 3.67
C ASN A 150 -1.73 17.63 2.93
N VAL A 151 -1.93 17.67 1.62
CA VAL A 151 -1.81 16.48 0.81
C VAL A 151 -1.03 16.82 -0.47
N LYS A 152 0.05 16.09 -0.66
CA LYS A 152 0.95 16.30 -1.75
C LYS A 152 0.83 15.08 -2.58
N TRP A 153 0.76 15.27 -3.89
CA TRP A 153 0.65 14.14 -4.78
C TRP A 153 1.98 14.04 -5.44
N LYS A 154 2.55 12.85 -5.45
CA LYS A 154 3.88 12.64 -6.01
C LYS A 154 3.85 11.50 -7.01
N ILE A 155 4.37 11.77 -8.20
CA ILE A 155 4.38 10.82 -9.31
C ILE A 155 5.80 10.32 -9.51
N ASP A 156 6.02 9.04 -9.21
CA ASP A 156 7.33 8.40 -9.34
C ASP A 156 8.33 9.14 -8.43
N GLY A 157 7.85 9.58 -7.27
CA GLY A 157 8.70 10.26 -6.32
C GLY A 157 8.65 11.78 -6.42
N SER A 158 8.51 12.27 -7.64
CA SER A 158 8.44 13.68 -7.89
C SER A 158 7.10 14.30 -7.48
N GLU A 159 7.15 15.37 -6.71
CA GLU A 159 5.95 16.07 -6.27
C GLU A 159 5.12 16.60 -7.47
N ARG A 160 3.79 16.56 -7.35
CA ARG A 160 2.90 17.07 -8.39
C ARG A 160 1.74 17.86 -7.79
N GLN A 161 1.30 18.88 -8.52
CA GLN A 161 0.25 19.78 -8.05
C GLN A 161 -0.87 20.18 -8.98
N ASN A 162 -0.52 20.56 -10.21
CA ASN A 162 -1.50 21.02 -11.20
C ASN A 162 -2.33 19.88 -11.77
N GLY A 163 -3.64 19.97 -11.57
CA GLY A 163 -4.55 18.93 -12.02
C GLY A 163 -5.24 18.32 -10.80
N VAL A 164 -4.85 18.83 -9.63
CA VAL A 164 -5.36 18.38 -8.35
C VAL A 164 -6.44 19.30 -7.78
N LEU A 165 -7.58 18.68 -7.45
CA LEU A 165 -8.71 19.37 -6.88
C LEU A 165 -9.08 18.66 -5.61
N ASN A 166 -8.99 19.37 -4.48
CA ASN A 166 -9.32 18.85 -3.14
C ASN A 166 -10.69 19.37 -2.68
N SER A 167 -11.43 18.54 -1.96
CA SER A 167 -12.73 18.91 -1.47
C SER A 167 -12.88 18.51 0.00
N TRP A 168 -13.39 19.42 0.82
CA TRP A 168 -13.58 19.12 2.24
C TRP A 168 -15.07 18.97 2.55
N THR A 169 -15.37 17.92 3.32
CA THR A 169 -16.71 17.58 3.75
C THR A 169 -16.83 18.41 5.02
N ASP A 170 -18.03 18.74 5.44
CA ASP A 170 -18.16 19.58 6.62
C ASP A 170 -17.85 18.74 7.84
N GLN A 171 -17.53 19.40 8.96
CA GLN A 171 -17.20 18.73 10.23
C GLN A 171 -18.39 17.88 10.56
N ASP A 172 -18.15 16.58 10.71
CA ASP A 172 -19.20 15.64 11.02
C ASP A 172 -19.75 16.07 12.38
N SER A 173 -21.06 15.95 12.52
CA SER A 173 -21.79 16.32 13.73
C SER A 173 -21.94 15.21 14.73
N LYS A 174 -21.64 14.00 14.30
CA LYS A 174 -21.72 12.87 15.18
C LYS A 174 -20.33 12.68 15.83
N ASP A 175 -19.23 12.91 15.10
CA ASP A 175 -17.91 12.72 15.70
C ASP A 175 -16.95 13.89 15.74
N SER A 176 -17.25 14.93 15.02
CA SER A 176 -16.39 16.10 15.03
C SER A 176 -15.09 16.05 14.21
N THR A 177 -15.10 15.29 13.13
CA THR A 177 -13.97 15.28 12.21
C THR A 177 -14.32 15.81 10.77
N TYR A 178 -13.36 15.64 9.88
CA TYR A 178 -13.45 16.07 8.49
C TYR A 178 -13.02 14.92 7.61
N SER A 179 -13.33 15.05 6.32
CA SER A 179 -12.95 14.09 5.30
C SER A 179 -12.59 14.98 4.11
N MET A 180 -11.58 14.57 3.36
CA MET A 180 -11.14 15.33 2.20
C MET A 180 -11.00 14.38 1.05
N SER A 181 -11.04 14.95 -0.14
CA SER A 181 -10.89 14.20 -1.38
C SER A 181 -9.89 14.94 -2.25
N SER A 182 -8.87 14.22 -2.68
CA SER A 182 -7.89 14.88 -3.52
C SER A 182 -8.00 14.02 -4.76
N THR A 183 -8.09 14.67 -5.91
CA THR A 183 -8.18 13.96 -7.19
C THR A 183 -7.15 14.49 -8.16
N LEU A 184 -6.16 13.65 -8.45
CA LEU A 184 -5.12 14.02 -9.41
C LEU A 184 -5.70 13.64 -10.75
N THR A 185 -6.10 14.64 -11.51
CA THR A 185 -6.65 14.36 -12.80
C THR A 185 -5.56 14.61 -13.82
N LEU A 186 -5.35 13.62 -14.68
CA LEU A 186 -4.32 13.72 -15.69
C LEU A 186 -4.73 12.84 -16.84
N THR A 187 -4.46 13.31 -18.05
CA THR A 187 -4.83 12.58 -19.22
C THR A 187 -4.13 11.26 -19.31
N LYS A 188 -4.92 10.22 -19.57
CA LYS A 188 -4.44 8.84 -19.76
C LYS A 188 -3.09 8.86 -20.48
N ASP A 189 -2.99 9.82 -21.38
CA ASP A 189 -1.78 10.03 -22.14
C ASP A 189 -0.62 10.17 -21.15
N GLU A 190 -0.70 11.12 -20.23
CA GLU A 190 0.41 11.31 -19.31
C GLU A 190 0.46 10.31 -18.17
N TYR A 191 -0.62 9.56 -18.02
CA TYR A 191 -0.72 8.56 -16.99
C TYR A 191 0.00 7.26 -17.31
N GLU A 192 -0.36 6.61 -18.42
CA GLU A 192 0.30 5.37 -18.78
C GLU A 192 1.82 5.61 -18.73
N ARG A 193 2.28 6.85 -18.90
CA ARG A 193 3.72 7.10 -18.92
C ARG A 193 4.39 7.15 -17.58
N HIS A 194 3.83 6.43 -16.60
CA HIS A 194 4.37 6.47 -15.23
C HIS A 194 4.04 5.22 -14.44
N ASN A 195 4.74 5.04 -13.32
CA ASN A 195 4.54 3.86 -12.47
C ASN A 195 3.82 4.06 -11.12
N SER A 196 4.46 4.77 -10.20
CA SER A 196 3.91 4.97 -8.87
C SER A 196 3.29 6.30 -8.67
N TYR A 197 2.19 6.26 -7.94
CA TYR A 197 1.40 7.40 -7.57
C TYR A 197 1.33 7.37 -6.04
N THR A 198 1.78 8.49 -5.45
CA THR A 198 1.81 8.68 -4.01
C THR A 198 0.84 9.80 -3.56
N CYS A 199 -0.07 9.47 -2.65
CA CYS A 199 -0.96 10.48 -2.08
C CYS A 199 -0.39 10.54 -0.68
N GLU A 200 0.36 11.60 -0.43
CA GLU A 200 0.96 11.81 0.88
C GLU A 200 0.07 12.75 1.70
N ALA A 201 0.01 12.49 3.00
CA ALA A 201 -0.78 13.30 3.93
C ALA A 201 0.02 13.86 5.11
N THR A 202 0.25 15.17 5.05
CA THR A 202 0.94 15.92 6.10
C THR A 202 -0.23 16.43 6.96
N HIS A 203 0.01 16.72 8.23
CA HIS A 203 -1.11 17.06 9.11
C HIS A 203 -0.53 17.50 10.46
N LYS A 204 -1.38 17.91 11.39
CA LYS A 204 -0.91 18.35 12.70
C LYS A 204 -1.26 17.42 13.88
N THR A 205 -1.58 16.15 13.62
CA THR A 205 -1.95 15.24 14.71
C THR A 205 -0.76 14.52 15.33
N SER A 206 -0.10 13.71 14.52
CA SER A 206 1.15 13.06 14.93
C SER A 206 1.94 13.66 13.77
N THR A 207 3.04 14.31 14.11
CA THR A 207 3.83 14.92 13.05
C THR A 207 4.67 13.90 12.27
N SER A 208 3.98 13.17 11.39
CA SER A 208 4.57 12.16 10.52
C SER A 208 3.49 11.73 9.54
N PRO A 209 3.79 11.81 8.22
CA PRO A 209 2.89 11.46 7.11
C PRO A 209 2.25 10.09 7.16
N ILE A 210 1.28 9.91 6.28
CA ILE A 210 0.60 8.63 6.11
C ILE A 210 0.63 8.68 4.58
N VAL A 211 1.34 7.72 4.03
CA VAL A 211 1.54 7.62 2.58
C VAL A 211 0.86 6.41 1.94
N LYS A 212 0.03 6.68 0.94
CA LYS A 212 -0.66 5.61 0.23
C LYS A 212 -0.10 5.61 -1.18
N SER A 213 0.02 4.46 -1.80
CA SER A 213 0.59 4.45 -3.14
C SER A 213 0.15 3.24 -3.90
N PHE A 214 0.36 3.31 -5.21
CA PHE A 214 0.05 2.20 -6.08
C PHE A 214 0.98 2.38 -7.25
N ASN A 215 1.23 1.31 -7.98
CA ASN A 215 2.08 1.35 -9.17
C ASN A 215 1.25 0.62 -10.22
N ARG A 216 1.28 1.02 -11.49
CA ARG A 216 0.50 0.26 -12.47
C ARG A 216 1.36 -0.90 -13.03
N GLU B 1 -48.22 20.03 10.50
CA GLU B 1 -47.03 20.91 10.63
C GLU B 1 -46.93 21.90 9.48
N VAL B 2 -46.42 23.09 9.79
CA VAL B 2 -46.20 24.13 8.80
C VAL B 2 -45.22 23.62 7.75
N GLN B 3 -45.74 22.86 6.79
CA GLN B 3 -44.88 22.31 5.75
C GLN B 3 -44.76 23.20 4.54
N LEU B 4 -43.73 24.02 4.50
CA LEU B 4 -43.50 24.90 3.36
C LEU B 4 -42.77 24.10 2.29
N GLN B 5 -43.42 23.84 1.18
CA GLN B 5 -42.77 23.08 0.15
C GLN B 5 -42.31 24.07 -0.90
N GLN B 6 -41.13 24.58 -0.68
CA GLN B 6 -40.55 25.52 -1.58
C GLN B 6 -39.80 24.55 -2.43
N SER B 7 -39.74 24.73 -3.73
CA SER B 7 -39.00 23.73 -4.46
C SER B 7 -38.41 24.10 -5.78
N GLY B 8 -37.70 23.10 -6.29
CA GLY B 8 -37.07 23.15 -7.58
C GLY B 8 -35.83 23.94 -7.92
N PRO B 9 -34.69 23.25 -8.09
CA PRO B 9 -33.46 23.96 -8.47
C PRO B 9 -33.64 24.13 -9.99
N GLU B 10 -33.07 25.15 -10.57
CA GLU B 10 -33.20 25.27 -12.02
C GLU B 10 -32.21 26.29 -12.51
N LEU B 11 -31.81 26.20 -13.76
CA LEU B 11 -30.87 27.18 -14.29
C LEU B 11 -31.55 27.95 -15.38
N VAL B 12 -31.09 29.19 -15.52
CA VAL B 12 -31.67 30.12 -16.47
C VAL B 12 -30.60 31.03 -17.01
N LYS B 13 -30.64 31.26 -18.33
CA LYS B 13 -29.67 32.14 -19.00
C LYS B 13 -29.88 33.53 -18.47
N PRO B 14 -28.92 34.41 -18.70
CA PRO B 14 -29.06 35.78 -18.23
C PRO B 14 -30.22 36.44 -19.03
N GLY B 15 -30.66 37.63 -18.59
CA GLY B 15 -31.72 38.29 -19.30
C GLY B 15 -33.05 37.61 -19.08
N ALA B 16 -33.02 36.32 -18.83
CA ALA B 16 -34.26 35.61 -18.64
C ALA B 16 -34.92 35.91 -17.28
N SER B 17 -36.09 35.29 -17.07
CA SER B 17 -36.88 35.45 -15.84
C SER B 17 -37.17 34.07 -15.23
N VAL B 18 -37.47 34.05 -13.94
CA VAL B 18 -37.80 32.82 -13.28
C VAL B 18 -38.86 33.10 -12.23
N LYS B 19 -39.71 32.10 -12.02
CA LYS B 19 -40.82 32.12 -11.08
C LYS B 19 -40.77 30.90 -10.17
N MET B 20 -40.37 31.09 -8.90
CA MET B 20 -40.26 30.02 -7.93
C MET B 20 -41.42 30.15 -6.95
N SER B 21 -41.85 29.02 -6.38
CA SER B 21 -42.96 28.99 -5.46
C SER B 21 -42.76 28.24 -4.14
N CYS B 22 -43.65 28.51 -3.20
CA CYS B 22 -43.65 27.90 -1.90
C CYS B 22 -45.08 27.38 -1.67
N LYS B 23 -45.23 26.14 -1.20
CA LYS B 23 -46.53 25.55 -0.93
C LYS B 23 -46.71 25.58 0.56
N ALA B 24 -47.80 26.15 1.01
CA ALA B 24 -48.03 26.19 2.43
C ALA B 24 -49.13 25.21 2.76
N SER B 25 -48.76 24.18 3.49
CA SER B 25 -49.69 23.15 3.90
C SER B 25 -49.58 23.14 5.42
N GLY B 26 -50.59 22.59 6.07
CA GLY B 26 -50.55 22.51 7.51
C GLY B 26 -51.27 23.68 8.19
N TYR B 27 -51.40 24.82 7.50
CA TYR B 27 -52.04 25.98 8.09
C TYR B 27 -52.85 26.84 7.17
N THR B 28 -53.28 27.99 7.70
CA THR B 28 -54.08 28.97 6.98
C THR B 28 -53.12 29.91 6.28
N PHE B 29 -52.90 29.65 5.01
CA PHE B 29 -52.00 30.42 4.13
C PHE B 29 -52.27 31.93 4.15
N THR B 30 -53.49 32.31 4.49
CA THR B 30 -53.91 33.70 4.54
C THR B 30 -53.53 34.43 5.82
N ASP B 31 -53.35 33.70 6.92
CA ASP B 31 -52.99 34.26 8.23
C ASP B 31 -51.56 34.77 8.52
N TYR B 32 -50.57 34.30 7.75
CA TYR B 32 -49.18 34.71 7.97
C TYR B 32 -48.57 35.27 6.74
N TYR B 33 -47.64 36.20 6.90
CA TYR B 33 -46.91 36.80 5.78
C TYR B 33 -45.92 35.78 5.25
N ILE B 34 -45.62 35.84 3.97
CA ILE B 34 -44.62 34.95 3.38
C ILE B 34 -43.54 35.97 3.08
N HIS B 35 -42.30 35.63 3.41
CA HIS B 35 -41.15 36.51 3.16
C HIS B 35 -40.19 35.90 2.13
N TRP B 36 -39.31 36.70 1.58
CA TRP B 36 -38.34 36.15 0.63
C TRP B 36 -36.96 36.56 1.06
N ASN B 37 -36.09 35.57 1.18
CA ASN B 37 -34.72 35.81 1.61
C ASN B 37 -33.77 35.18 0.63
N LYS B 38 -32.63 35.83 0.47
CA LYS B 38 -31.56 35.42 -0.46
C LYS B 38 -30.29 34.98 0.33
N GLN B 39 -29.96 33.69 0.20
CA GLN B 39 -28.77 33.08 0.84
C GLN B 39 -27.73 32.99 -0.27
N SER B 40 -26.87 33.99 -0.36
CA SER B 40 -25.88 34.08 -1.43
C SER B 40 -24.59 33.26 -1.35
N HIS B 41 -24.61 32.04 -1.92
CA HIS B 41 -23.46 31.10 -1.93
C HIS B 41 -23.29 30.50 -0.52
N GLY B 42 -24.39 29.98 0.01
CA GLY B 42 -24.37 29.37 1.32
C GLY B 42 -23.73 30.20 2.41
N LYS B 43 -23.46 31.47 2.14
CA LYS B 43 -22.83 32.37 3.10
C LYS B 43 -23.69 33.56 3.58
N SER B 44 -23.72 34.63 2.79
CA SER B 44 -24.45 35.86 3.12
C SER B 44 -25.98 35.76 3.05
N LEU B 45 -26.63 36.54 3.91
CA LEU B 45 -28.07 36.48 3.94
C LEU B 45 -28.61 37.86 3.75
N GLU B 46 -29.63 37.97 2.91
CA GLU B 46 -30.27 39.25 2.62
C GLU B 46 -31.77 39.12 2.53
N TRP B 47 -32.44 40.18 2.93
CA TRP B 47 -33.88 40.19 2.90
C TRP B 47 -34.35 40.84 1.60
N ILE B 48 -35.32 40.20 0.98
CA ILE B 48 -35.90 40.68 -0.27
C ILE B 48 -37.18 41.48 0.01
N GLY B 49 -38.14 40.89 0.72
CA GLY B 49 -39.40 41.51 1.04
C GLY B 49 -40.42 40.48 1.43
N TYR B 50 -41.64 40.93 1.69
CA TYR B 50 -42.75 40.08 2.11
C TYR B 50 -44.00 40.24 1.23
N ILE B 51 -44.98 39.42 1.55
CA ILE B 51 -46.27 39.43 0.90
C ILE B 51 -47.17 38.84 1.99
N TYR B 52 -48.37 39.38 2.08
CA TYR B 52 -49.35 38.92 3.03
C TYR B 52 -50.51 38.39 2.22
N PRO B 53 -50.73 37.07 2.23
CA PRO B 53 -51.77 36.32 1.52
C PRO B 53 -53.28 36.51 1.84
N ASN B 54 -53.68 37.61 2.44
CA ASN B 54 -55.11 37.78 2.65
C ASN B 54 -55.57 38.99 1.86
N ASN B 55 -54.70 40.00 1.77
CA ASN B 55 -55.08 41.18 1.01
C ASN B 55 -54.12 41.47 -0.13
N GLY B 56 -52.94 40.88 -0.05
CA GLY B 56 -51.91 41.07 -1.06
C GLY B 56 -50.90 42.15 -0.69
N GLY B 57 -50.96 42.61 0.55
CA GLY B 57 -50.09 43.65 1.08
C GLY B 57 -48.68 43.20 0.91
N ASN B 58 -47.80 44.06 0.40
CA ASN B 58 -46.42 43.68 0.17
C ASN B 58 -45.45 44.81 0.35
N GLY B 59 -44.19 44.46 0.33
CA GLY B 59 -43.14 45.44 0.51
C GLY B 59 -41.82 44.87 0.08
N TYR B 60 -40.91 45.74 -0.33
CA TYR B 60 -39.61 45.26 -0.79
C TYR B 60 -38.45 46.08 -0.25
N ASN B 61 -37.27 45.47 -0.35
CA ASN B 61 -36.01 46.05 0.05
C ASN B 61 -35.73 46.84 -1.19
N HIS B 62 -35.41 48.11 -1.06
CA HIS B 62 -35.21 48.91 -2.27
C HIS B 62 -34.21 48.30 -3.25
N LYS B 63 -33.34 47.43 -2.75
CA LYS B 63 -32.33 46.84 -3.59
C LYS B 63 -32.80 45.68 -4.48
N PHE B 64 -33.93 45.10 -4.11
CA PHE B 64 -34.49 43.99 -4.86
C PHE B 64 -35.73 44.44 -5.62
N LYS B 65 -36.15 45.69 -5.42
CA LYS B 65 -37.33 46.22 -6.10
C LYS B 65 -37.33 46.16 -7.62
N GLY B 66 -36.17 46.40 -8.23
CA GLY B 66 -36.10 46.37 -9.69
C GLY B 66 -36.10 45.01 -10.36
N LYS B 67 -35.99 43.96 -9.54
CA LYS B 67 -35.95 42.59 -10.08
C LYS B 67 -36.91 41.58 -9.43
N ALA B 68 -37.37 41.94 -8.25
CA ALA B 68 -38.26 41.08 -7.54
C ALA B 68 -39.69 41.58 -7.74
N THR B 69 -40.59 40.59 -7.78
CA THR B 69 -42.03 40.73 -7.98
C THR B 69 -42.64 39.56 -7.20
N LEU B 70 -43.32 39.88 -6.10
CA LEU B 70 -43.90 38.85 -5.26
C LEU B 70 -45.43 38.84 -5.43
N THR B 71 -45.98 37.64 -5.52
CA THR B 71 -47.39 37.43 -5.73
C THR B 71 -47.81 36.17 -4.96
N VAL B 72 -49.11 35.98 -4.79
CA VAL B 72 -49.62 34.84 -4.07
C VAL B 72 -50.76 34.21 -4.88
N ASP B 73 -51.04 32.93 -4.65
CA ASP B 73 -52.11 32.19 -5.30
C ASP B 73 -52.90 31.74 -4.10
N LYS B 74 -53.96 32.46 -3.75
CA LYS B 74 -54.70 32.14 -2.50
C LYS B 74 -55.46 30.84 -2.48
N SER B 75 -55.96 30.46 -3.64
CA SER B 75 -56.75 29.25 -3.77
C SER B 75 -55.93 27.94 -3.69
N SER B 76 -54.66 28.00 -4.04
CA SER B 76 -53.81 26.82 -4.00
C SER B 76 -52.72 26.87 -2.96
N SER B 77 -52.76 27.91 -2.13
CA SER B 77 -51.79 28.12 -1.05
C SER B 77 -50.35 28.14 -1.54
N THR B 78 -50.02 29.07 -2.41
CA THR B 78 -48.67 29.17 -2.96
C THR B 78 -48.22 30.60 -3.14
N ALA B 79 -46.95 30.87 -2.82
CA ALA B 79 -46.44 32.21 -2.98
C ALA B 79 -45.37 32.10 -4.07
N TYR B 80 -45.18 33.16 -4.86
CA TYR B 80 -44.25 33.14 -5.97
C TYR B 80 -43.39 34.35 -5.99
N MET B 81 -42.12 34.12 -6.34
CA MET B 81 -41.13 35.20 -6.48
C MET B 81 -40.70 35.16 -7.95
N ASP B 82 -40.62 36.32 -8.59
CA ASP B 82 -40.30 36.44 -9.99
C ASP B 82 -39.06 37.33 -9.98
N VAL B 83 -37.98 36.68 -10.37
CA VAL B 83 -36.66 37.22 -10.43
C VAL B 83 -36.49 37.53 -11.93
N ARG B 84 -36.11 38.74 -12.29
CA ARG B 84 -35.97 39.04 -13.71
C ARG B 84 -34.72 39.85 -13.87
N THR B 85 -34.23 39.90 -15.11
CA THR B 85 -33.00 40.59 -15.53
C THR B 85 -31.80 39.88 -14.91
N LEU B 86 -31.91 38.56 -14.92
CA LEU B 86 -30.92 37.68 -14.32
C LEU B 86 -29.45 37.78 -14.76
N THR B 87 -28.61 38.50 -14.00
CA THR B 87 -27.18 38.50 -14.29
C THR B 87 -26.57 37.42 -13.34
N SER B 88 -25.27 37.14 -13.48
CA SER B 88 -24.62 36.13 -12.64
C SER B 88 -24.94 36.31 -11.16
N GLU B 89 -24.86 37.54 -10.66
CA GLU B 89 -25.13 37.89 -9.24
C GLU B 89 -26.48 37.37 -8.70
N ASP B 90 -27.32 36.83 -9.56
CA ASP B 90 -28.61 36.37 -9.09
C ASP B 90 -28.56 34.93 -8.68
N SER B 91 -27.60 34.18 -9.23
CA SER B 91 -27.41 32.77 -8.89
C SER B 91 -27.17 32.70 -7.39
N ALA B 92 -28.08 32.04 -6.68
CA ALA B 92 -28.00 31.90 -5.25
C ALA B 92 -29.14 31.00 -4.75
N VAL B 93 -29.17 30.80 -3.43
CA VAL B 93 -30.16 29.97 -2.77
C VAL B 93 -31.22 30.91 -2.25
N TYR B 94 -32.47 30.71 -2.63
CA TYR B 94 -33.54 31.58 -2.17
C TYR B 94 -34.46 30.84 -1.23
N TYR B 95 -34.69 31.43 -0.06
CA TYR B 95 -35.60 30.81 0.88
C TYR B 95 -36.85 31.62 0.95
N CYS B 96 -37.87 30.89 1.26
CA CYS B 96 -39.18 31.41 1.43
C CYS B 96 -39.44 31.19 2.94
N GLY B 97 -39.92 32.23 3.63
CA GLY B 97 -40.16 32.07 5.05
C GLY B 97 -41.52 32.55 5.53
N ARG B 98 -42.04 31.91 6.55
CA ARG B 98 -43.30 32.35 7.08
C ARG B 98 -43.07 33.33 8.27
N SER B 99 -43.83 34.41 8.35
CA SER B 99 -43.68 35.34 9.45
C SER B 99 -45.01 35.85 10.00
N THR B 100 -45.07 35.89 11.32
CA THR B 100 -46.19 36.40 12.04
C THR B 100 -45.87 37.90 12.02
N TRP B 101 -46.78 38.75 12.47
CA TRP B 101 -46.50 40.19 12.50
C TRP B 101 -45.17 40.52 13.10
N ASP B 102 -44.85 39.81 14.18
CA ASP B 102 -43.65 40.00 14.97
C ASP B 102 -42.39 39.22 14.67
N ASP B 103 -42.54 37.96 14.25
CA ASP B 103 -41.38 37.08 13.97
C ASP B 103 -41.51 36.07 12.83
N PHE B 104 -40.36 35.61 12.37
CA PHE B 104 -40.26 34.58 11.35
C PHE B 104 -40.65 33.24 12.03
N ASP B 105 -41.07 32.25 11.26
CA ASP B 105 -41.49 30.97 11.83
C ASP B 105 -40.73 29.80 11.26
N TYR B 106 -41.30 29.28 10.18
CA TYR B 106 -40.76 28.14 9.47
C TYR B 106 -40.23 28.61 8.11
N TRP B 107 -38.97 28.32 7.85
CA TRP B 107 -38.41 28.65 6.56
C TRP B 107 -38.60 27.40 5.70
N GLY B 108 -38.60 27.63 4.40
CA GLY B 108 -38.73 26.54 3.44
C GLY B 108 -37.35 25.97 3.22
N GLN B 109 -37.32 24.80 2.60
CA GLN B 109 -36.09 24.08 2.31
C GLN B 109 -35.03 24.84 1.55
N GLY B 110 -35.43 25.55 0.50
CA GLY B 110 -34.44 26.31 -0.27
C GLY B 110 -34.51 26.08 -1.78
N THR B 111 -34.16 27.09 -2.54
CA THR B 111 -34.18 27.01 -3.99
C THR B 111 -32.83 27.41 -4.51
N THR B 112 -32.32 26.62 -5.42
CA THR B 112 -31.03 26.98 -5.95
C THR B 112 -31.25 27.59 -7.32
N LEU B 113 -30.65 28.73 -7.56
CA LEU B 113 -30.82 29.34 -8.84
C LEU B 113 -29.45 29.53 -9.43
N THR B 114 -29.16 28.77 -10.50
CA THR B 114 -27.89 28.89 -11.21
C THR B 114 -28.19 29.80 -12.33
N VAL B 115 -27.47 30.91 -12.44
CA VAL B 115 -27.70 31.82 -13.55
C VAL B 115 -26.61 31.45 -14.51
N SER B 116 -26.95 30.71 -15.56
CA SER B 116 -25.90 30.34 -16.48
C SER B 116 -26.28 30.22 -17.92
N SER B 117 -25.38 30.77 -18.71
CA SER B 117 -25.43 30.85 -20.16
C SER B 117 -25.00 29.48 -20.76
N ALA B 118 -24.58 28.56 -19.88
CA ALA B 118 -24.13 27.25 -20.29
C ALA B 118 -25.15 26.10 -20.30
N LYS B 119 -24.78 25.05 -21.02
CA LYS B 119 -25.56 23.84 -21.22
C LYS B 119 -25.55 22.88 -20.05
N THR B 120 -26.52 21.98 -20.04
CA THR B 120 -26.63 20.96 -19.02
C THR B 120 -25.85 19.73 -19.52
N THR B 121 -24.84 19.32 -18.77
CA THR B 121 -24.03 18.19 -19.15
C THR B 121 -23.95 17.18 -18.04
N PRO B 122 -24.66 16.05 -18.17
CA PRO B 122 -24.76 14.92 -17.26
C PRO B 122 -23.40 14.50 -16.64
N PRO B 123 -23.46 13.74 -15.53
CA PRO B 123 -22.25 13.30 -14.88
C PRO B 123 -21.73 11.97 -15.38
N SER B 124 -20.40 11.88 -15.47
CA SER B 124 -19.70 10.64 -15.84
C SER B 124 -19.33 10.01 -14.50
N VAL B 125 -20.07 8.95 -14.17
CA VAL B 125 -19.89 8.20 -12.95
C VAL B 125 -18.97 7.00 -13.11
N TYR B 126 -17.73 7.15 -12.65
CA TYR B 126 -16.71 6.11 -12.72
C TYR B 126 -16.55 5.47 -11.35
N PRO B 127 -16.82 4.17 -11.20
CA PRO B 127 -16.69 3.50 -9.88
C PRO B 127 -15.25 3.23 -9.45
N LEU B 128 -15.02 3.27 -8.14
CA LEU B 128 -13.68 3.07 -7.60
C LEU B 128 -13.52 1.88 -6.69
N ALA B 129 -12.56 0.99 -7.00
CA ALA B 129 -12.24 -0.19 -6.21
C ALA B 129 -10.77 0.02 -5.90
N PRO B 130 -10.29 -0.59 -4.78
CA PRO B 130 -8.90 -0.48 -4.31
C PRO B 130 -7.72 -1.16 -5.05
N GLY B 131 -7.23 -2.28 -4.54
CA GLY B 131 -6.10 -2.93 -5.19
C GLY B 131 -4.78 -2.23 -4.94
N SER B 132 -4.83 -1.11 -4.19
CA SER B 132 -3.65 -0.31 -3.90
C SER B 132 -3.70 0.53 -2.61
N ALA B 133 -4.80 0.52 -1.88
CA ALA B 133 -4.94 1.31 -0.66
C ALA B 133 -5.15 0.47 0.59
N ALA B 134 -5.62 1.11 1.66
CA ALA B 134 -5.84 0.41 2.92
C ALA B 134 -6.63 -0.88 2.66
N GLN B 135 -5.91 -2.00 2.67
CA GLN B 135 -6.49 -3.32 2.43
C GLN B 135 -7.97 -3.57 2.69
N THR B 136 -8.46 -4.55 1.94
CA THR B 136 -9.84 -4.94 1.99
C THR B 136 -10.17 -6.00 3.05
N ASN B 137 -9.22 -6.44 3.86
CA ASN B 137 -9.60 -7.51 4.79
C ASN B 137 -10.31 -7.26 6.12
N SER B 138 -10.36 -6.00 6.59
CA SER B 138 -11.06 -5.66 7.85
C SER B 138 -12.24 -4.71 7.62
N MET B 139 -11.95 -3.53 7.10
CA MET B 139 -12.95 -2.51 6.78
C MET B 139 -12.34 -1.74 5.60
N VAL B 140 -12.98 -1.86 4.45
CA VAL B 140 -12.53 -1.26 3.20
C VAL B 140 -13.26 0.03 2.73
N THR B 141 -12.57 0.90 2.02
CA THR B 141 -13.15 2.12 1.51
C THR B 141 -13.30 2.17 0.00
N LEU B 142 -14.56 2.24 -0.42
CA LEU B 142 -14.93 2.29 -1.83
C LEU B 142 -15.36 3.69 -2.22
N GLY B 143 -15.28 3.96 -3.52
CA GLY B 143 -15.64 5.27 -3.99
C GLY B 143 -16.38 5.26 -5.31
N CYS B 144 -16.95 6.43 -5.59
CA CYS B 144 -17.71 6.70 -6.79
C CYS B 144 -17.18 8.07 -7.23
N LEU B 145 -16.86 8.22 -8.51
CA LEU B 145 -16.37 9.51 -8.99
C LEU B 145 -17.40 10.06 -9.98
N VAL B 146 -18.02 11.19 -9.65
CA VAL B 146 -19.03 11.80 -10.52
C VAL B 146 -18.35 13.03 -11.12
N LYS B 147 -17.96 12.97 -12.37
CA LYS B 147 -17.26 14.13 -12.89
C LYS B 147 -17.89 14.67 -14.15
N GLY B 148 -17.59 15.94 -14.43
CA GLY B 148 -18.05 16.60 -15.64
C GLY B 148 -19.54 16.73 -15.85
N TYR B 149 -20.24 17.20 -14.82
CA TYR B 149 -21.70 17.41 -14.87
C TYR B 149 -22.08 18.85 -14.58
N PHE B 150 -23.05 19.36 -15.31
CA PHE B 150 -23.57 20.72 -15.12
C PHE B 150 -25.08 20.63 -15.32
N PRO B 151 -25.85 21.41 -14.53
CA PRO B 151 -25.44 22.31 -13.45
C PRO B 151 -25.21 21.66 -12.08
N GLU B 152 -24.74 22.46 -11.14
CA GLU B 152 -24.43 22.08 -9.75
C GLU B 152 -25.26 21.00 -9.04
N PRO B 153 -26.53 20.84 -9.38
CA PRO B 153 -27.15 19.78 -8.56
C PRO B 153 -27.17 18.30 -9.01
N VAL B 154 -26.57 17.45 -8.17
CA VAL B 154 -26.52 15.97 -8.35
C VAL B 154 -26.54 15.40 -6.93
N THR B 155 -27.31 14.34 -6.66
CA THR B 155 -27.24 13.74 -5.30
C THR B 155 -26.66 12.37 -5.42
N LEU B 156 -25.64 12.10 -4.62
CA LEU B 156 -25.03 10.81 -4.62
C LEU B 156 -25.66 9.97 -3.50
N THR B 157 -25.99 8.73 -3.83
CA THR B 157 -26.60 7.80 -2.89
C THR B 157 -25.92 6.43 -3.03
N TRP B 158 -26.19 5.52 -2.09
CA TRP B 158 -25.58 4.17 -2.08
C TRP B 158 -26.54 3.00 -1.78
N ASN B 159 -26.31 1.88 -2.45
CA ASN B 159 -27.11 0.65 -2.28
C ASN B 159 -28.64 0.83 -2.29
N SER B 160 -29.15 1.61 -3.25
CA SER B 160 -30.61 1.90 -3.39
C SER B 160 -31.07 2.73 -2.16
N GLY B 161 -30.08 3.16 -1.39
CA GLY B 161 -30.33 3.90 -0.17
C GLY B 161 -30.10 2.94 0.99
N SER B 162 -29.75 1.69 0.65
CA SER B 162 -29.51 0.64 1.63
C SER B 162 -28.07 0.53 2.14
N LEU B 163 -27.45 1.69 2.40
CA LEU B 163 -26.09 1.84 2.94
C LEU B 163 -25.99 3.30 3.24
N SER B 164 -26.48 3.73 4.40
CA SER B 164 -26.41 5.15 4.70
C SER B 164 -25.27 5.53 5.66
N SER B 165 -24.74 4.50 6.33
CA SER B 165 -23.66 4.70 7.29
C SER B 165 -22.29 4.48 6.72
N GLY B 166 -21.42 5.39 7.14
CA GLY B 166 -20.05 5.36 6.74
C GLY B 166 -19.85 6.09 5.44
N VAL B 167 -20.84 6.85 4.96
CA VAL B 167 -20.61 7.53 3.69
C VAL B 167 -20.19 9.00 3.83
N HIS B 168 -19.15 9.31 3.06
CA HIS B 168 -18.55 10.64 3.03
C HIS B 168 -18.70 11.18 1.63
N THR B 169 -19.69 12.04 1.42
CA THR B 169 -19.90 12.63 0.11
C THR B 169 -19.38 14.03 0.26
N PHE B 170 -18.31 14.30 -0.46
CA PHE B 170 -17.65 15.60 -0.43
C PHE B 170 -18.38 16.50 -1.39
N PRO B 171 -18.20 17.82 -1.23
CA PRO B 171 -18.88 18.78 -2.11
C PRO B 171 -18.26 18.69 -3.48
N ALA B 172 -18.67 19.56 -4.40
CA ALA B 172 -18.15 19.53 -5.75
C ALA B 172 -17.28 20.75 -6.02
N VAL B 173 -16.31 20.58 -6.91
CA VAL B 173 -15.40 21.64 -7.31
C VAL B 173 -15.67 21.78 -8.79
N LEU B 174 -15.59 22.98 -9.35
CA LEU B 174 -15.87 23.15 -10.78
C LEU B 174 -14.68 23.36 -11.66
N GLN B 175 -14.44 22.37 -12.51
CA GLN B 175 -13.34 22.39 -13.49
C GLN B 175 -13.92 22.95 -14.78
N SER B 176 -13.31 24.01 -15.32
CA SER B 176 -13.77 24.58 -16.58
C SER B 176 -15.29 24.71 -16.69
N ASP B 177 -15.94 24.91 -15.54
CA ASP B 177 -17.38 25.08 -15.43
C ASP B 177 -18.18 23.77 -15.38
N LEU B 178 -17.53 22.67 -14.99
CA LEU B 178 -18.17 21.36 -14.87
C LEU B 178 -17.99 21.08 -13.38
N TYR B 179 -18.80 20.20 -12.81
CA TYR B 179 -18.66 19.91 -11.39
C TYR B 179 -18.23 18.47 -11.19
N THR B 180 -17.27 18.29 -10.33
CA THR B 180 -16.77 16.95 -10.04
C THR B 180 -17.00 16.66 -8.55
N LEU B 181 -17.76 15.62 -8.31
CA LEU B 181 -18.11 15.14 -6.98
C LEU B 181 -17.42 13.79 -6.82
N SER B 182 -17.34 13.33 -5.57
CA SER B 182 -16.75 12.05 -5.22
C SER B 182 -17.29 11.77 -3.86
N SER B 183 -17.73 10.53 -3.63
CA SER B 183 -18.21 10.11 -2.33
C SER B 183 -17.51 8.80 -2.05
N SER B 184 -17.65 8.28 -0.84
CA SER B 184 -16.99 7.05 -0.49
C SER B 184 -17.68 6.34 0.64
N VAL B 185 -17.94 5.04 0.48
CA VAL B 185 -18.54 4.32 1.56
C VAL B 185 -17.54 3.30 2.09
N THR B 186 -17.25 3.40 3.39
CA THR B 186 -16.28 2.52 4.08
C THR B 186 -17.11 1.38 4.55
N VAL B 187 -16.97 0.24 3.90
CA VAL B 187 -17.76 -0.93 4.21
C VAL B 187 -16.89 -2.06 4.78
N THR B 188 -17.53 -3.05 5.36
CA THR B 188 -16.83 -4.19 5.92
C THR B 188 -16.26 -5.07 4.82
N SER B 189 -15.28 -5.90 5.17
CA SER B 189 -14.68 -6.82 4.23
C SER B 189 -15.76 -7.75 3.73
N SER B 190 -16.59 -8.24 4.64
CA SER B 190 -17.68 -9.14 4.26
C SER B 190 -18.42 -8.57 3.01
N PRO B 191 -18.91 -7.29 3.06
CA PRO B 191 -19.62 -6.71 1.90
C PRO B 191 -18.83 -6.75 0.59
N ARG B 192 -18.17 -5.69 0.18
CA ARG B 192 -17.42 -5.81 -1.08
C ARG B 192 -16.17 -6.74 -0.93
N PRO B 193 -15.91 -7.60 -1.91
CA PRO B 193 -16.65 -7.78 -3.16
C PRO B 193 -17.75 -8.83 -3.04
N SER B 194 -17.81 -9.52 -1.92
CA SER B 194 -18.81 -10.55 -1.75
C SER B 194 -20.23 -10.12 -2.14
N GLU B 195 -20.61 -8.95 -1.63
CA GLU B 195 -21.93 -8.39 -1.86
C GLU B 195 -21.88 -7.23 -2.81
N THR B 196 -23.03 -6.85 -3.31
CA THR B 196 -23.03 -5.73 -4.24
C THR B 196 -23.16 -4.39 -3.59
N VAL B 197 -22.33 -3.47 -4.04
CA VAL B 197 -22.34 -2.12 -3.55
C VAL B 197 -22.71 -1.39 -4.84
N THR B 198 -23.85 -0.71 -4.81
CA THR B 198 -24.29 0.00 -6.01
C THR B 198 -24.38 1.51 -5.74
N CYS B 199 -23.73 2.25 -6.60
CA CYS B 199 -23.66 3.65 -6.50
C CYS B 199 -24.74 4.29 -7.36
N ASN B 200 -25.66 4.97 -6.70
CA ASN B 200 -26.79 5.64 -7.33
C ASN B 200 -26.56 7.20 -7.41
N VAL B 201 -26.44 7.70 -8.63
CA VAL B 201 -26.22 9.11 -8.88
C VAL B 201 -27.44 9.63 -9.65
N ALA B 202 -27.89 10.84 -9.32
CA ALA B 202 -29.01 11.47 -10.01
C ALA B 202 -28.68 12.91 -10.27
N HIS B 203 -29.12 13.39 -11.44
CA HIS B 203 -28.86 14.75 -11.87
C HIS B 203 -30.11 15.31 -12.60
N PRO B 204 -31.00 16.02 -11.86
CA PRO B 204 -32.22 16.58 -12.45
C PRO B 204 -32.09 17.28 -13.83
N ALA B 205 -31.37 18.39 -13.92
CA ALA B 205 -31.22 19.10 -15.19
C ALA B 205 -30.83 18.30 -16.47
N SER B 206 -30.75 16.97 -16.39
CA SER B 206 -30.42 16.20 -17.57
C SER B 206 -31.22 14.91 -17.64
N SER B 207 -32.02 14.67 -16.60
CA SER B 207 -32.85 13.46 -16.45
C SER B 207 -31.93 12.21 -16.41
N THR B 208 -30.75 12.40 -15.80
CA THR B 208 -29.70 11.36 -15.70
C THR B 208 -29.52 10.53 -14.40
N LYS B 209 -29.88 9.25 -14.49
CA LYS B 209 -29.73 8.32 -13.39
C LYS B 209 -28.88 7.19 -13.90
N VAL B 210 -27.89 6.83 -13.10
CA VAL B 210 -27.00 5.71 -13.42
C VAL B 210 -26.57 5.00 -12.16
N ASP B 211 -26.98 3.74 -12.07
CA ASP B 211 -26.66 2.89 -10.95
C ASP B 211 -25.51 2.00 -11.31
N LYS B 212 -24.39 2.20 -10.62
CA LYS B 212 -23.13 1.47 -10.86
C LYS B 212 -22.59 0.58 -9.74
N LYS B 213 -21.52 -0.15 -10.07
CA LYS B 213 -20.73 -1.03 -9.14
C LYS B 213 -19.34 -1.28 -9.79
N ILE B 214 -18.59 -2.29 -9.35
CA ILE B 214 -17.29 -2.59 -9.99
C ILE B 214 -16.86 -4.07 -9.86
N VAL B 215 -15.54 -4.32 -9.85
CA VAL B 215 -14.98 -5.70 -9.72
C VAL B 215 -14.89 -6.22 -8.28
N ASP C 1 52.41 -29.24 -7.86
CA ASP C 1 51.41 -30.21 -8.42
C ASP C 1 50.76 -29.62 -9.65
N VAL C 2 49.80 -30.32 -10.26
CA VAL C 2 49.14 -29.81 -11.49
C VAL C 2 48.03 -28.79 -11.20
N LEU C 3 48.29 -27.56 -11.55
CA LEU C 3 47.30 -26.54 -11.30
C LEU C 3 46.36 -26.32 -12.51
N MET C 4 45.07 -26.35 -12.21
CA MET C 4 44.02 -26.19 -13.18
C MET C 4 43.57 -24.73 -13.27
N THR C 5 43.56 -24.19 -14.47
CA THR C 5 43.16 -22.81 -14.65
C THR C 5 41.92 -22.69 -15.52
N GLN C 6 40.97 -21.86 -15.13
CA GLN C 6 39.74 -21.70 -15.92
C GLN C 6 39.50 -20.30 -16.51
N THR C 7 39.04 -20.25 -17.76
CA THR C 7 38.71 -18.99 -18.42
C THR C 7 37.33 -19.16 -19.05
N PRO C 8 36.39 -18.25 -18.77
CA PRO C 8 36.51 -17.07 -17.92
C PRO C 8 36.14 -17.37 -16.45
N LEU C 9 36.28 -16.36 -15.59
CA LEU C 9 35.93 -16.45 -14.17
C LEU C 9 34.38 -16.47 -14.10
N SER C 10 33.78 -15.62 -14.95
CA SER C 10 32.33 -15.52 -15.09
C SER C 10 31.97 -15.55 -16.58
N LEU C 11 30.85 -16.18 -16.92
CA LEU C 11 30.41 -16.26 -18.31
C LEU C 11 28.93 -15.85 -18.48
N PRO C 12 28.65 -14.56 -18.77
CA PRO C 12 27.27 -14.16 -18.94
C PRO C 12 26.81 -14.27 -20.38
N VAL C 13 25.95 -15.24 -20.67
CA VAL C 13 25.45 -15.40 -22.04
C VAL C 13 23.94 -15.54 -22.08
N SER C 14 23.35 -14.95 -23.12
CA SER C 14 21.90 -14.96 -23.36
C SER C 14 21.33 -16.36 -23.68
N LEU C 15 20.15 -16.65 -23.17
CA LEU C 15 19.50 -17.95 -23.39
C LEU C 15 19.45 -18.32 -24.85
N GLY C 16 20.14 -19.40 -25.18
CA GLY C 16 20.19 -19.85 -26.56
C GLY C 16 21.52 -19.50 -27.18
N ASP C 17 22.41 -18.86 -26.39
CA ASP C 17 23.76 -18.46 -26.82
C ASP C 17 24.78 -19.58 -26.70
N GLN C 18 25.90 -19.40 -27.41
CA GLN C 18 26.98 -20.37 -27.42
C GLN C 18 27.94 -20.02 -26.33
N ALA C 19 28.14 -20.96 -25.40
CA ALA C 19 29.06 -20.78 -24.25
C ALA C 19 30.36 -21.54 -24.46
N SER C 20 31.45 -20.97 -23.97
CA SER C 20 32.77 -21.62 -24.09
C SER C 20 33.54 -21.35 -22.79
N ILE C 21 33.90 -22.44 -22.10
CA ILE C 21 34.60 -22.43 -20.80
C ILE C 21 35.85 -23.29 -20.95
N SER C 22 37.02 -22.70 -20.72
CA SER C 22 38.29 -23.44 -20.87
C SER C 22 39.00 -23.82 -19.57
N CYS C 23 39.87 -24.82 -19.69
CA CYS C 23 40.68 -25.36 -18.58
C CYS C 23 42.10 -25.50 -19.12
N ARG C 24 43.02 -24.75 -18.54
CA ARG C 24 44.40 -24.74 -18.94
C ARG C 24 45.23 -25.46 -17.85
N SER C 25 46.18 -26.31 -18.24
CA SER C 25 47.03 -27.07 -17.30
C SER C 25 48.46 -26.60 -17.25
N SER C 26 49.07 -26.61 -16.07
CA SER C 26 50.49 -26.21 -15.93
C SER C 26 51.35 -27.09 -16.81
N GLN C 27 50.98 -28.37 -16.86
CA GLN C 27 51.66 -29.35 -17.67
C GLN C 27 50.60 -30.32 -18.11
N THR C 28 50.93 -31.01 -19.19
CA THR C 28 50.10 -32.06 -19.80
C THR C 28 49.46 -32.98 -18.79
N ILE C 29 48.24 -33.41 -19.09
CA ILE C 29 47.60 -34.37 -18.20
C ILE C 29 47.22 -35.66 -18.89
N VAL C 30 47.93 -35.97 -19.98
CA VAL C 30 47.79 -37.22 -20.74
C VAL C 30 48.52 -38.21 -19.82
N HIS C 31 47.87 -39.31 -19.46
CA HIS C 31 48.43 -40.33 -18.57
C HIS C 31 49.37 -41.30 -19.31
N SER C 32 50.26 -41.98 -18.57
CA SER C 32 51.19 -42.93 -19.18
C SER C 32 50.46 -43.97 -20.06
N ASN C 33 49.15 -44.14 -19.88
CA ASN C 33 48.39 -45.07 -20.72
C ASN C 33 47.76 -44.35 -21.92
N GLY C 34 48.18 -43.12 -22.15
CA GLY C 34 47.66 -42.35 -23.26
C GLY C 34 46.17 -42.06 -23.23
N ASN C 35 45.66 -41.73 -22.06
CA ASN C 35 44.27 -41.40 -21.91
C ASN C 35 44.38 -40.09 -21.18
N THR C 36 43.49 -39.13 -21.43
CA THR C 36 43.61 -37.88 -20.69
C THR C 36 42.41 -37.83 -19.81
N TYR C 37 42.65 -37.86 -18.51
CA TYR C 37 41.59 -37.86 -17.48
C TYR C 37 41.21 -36.45 -17.13
N LEU C 38 40.25 -35.93 -17.88
CA LEU C 38 39.80 -34.57 -17.66
C LEU C 38 38.33 -34.64 -17.63
N GLU C 39 37.81 -34.10 -16.54
CA GLU C 39 36.39 -34.08 -16.28
C GLU C 39 35.84 -32.66 -16.13
N TRP C 40 34.55 -32.52 -16.43
CA TRP C 40 33.89 -31.24 -16.28
C TRP C 40 32.73 -31.54 -15.37
N TYR C 41 32.53 -30.67 -14.40
CA TYR C 41 31.44 -30.83 -13.43
C TYR C 41 30.57 -29.59 -13.43
N LEU C 42 29.31 -29.76 -13.03
CA LEU C 42 28.44 -28.59 -12.94
C LEU C 42 27.88 -28.46 -11.55
N GLN C 43 28.02 -27.28 -10.97
CA GLN C 43 27.48 -27.01 -9.66
C GLN C 43 26.49 -25.86 -9.67
N LYS C 44 25.22 -26.23 -9.60
CA LYS C 44 24.12 -25.30 -9.53
C LYS C 44 23.95 -25.21 -8.03
N PRO C 45 23.75 -23.99 -7.47
CA PRO C 45 23.60 -23.89 -6.03
C PRO C 45 22.55 -24.84 -5.53
N GLY C 46 22.61 -25.10 -4.24
CA GLY C 46 21.65 -25.98 -3.61
C GLY C 46 21.96 -27.43 -3.84
N GLN C 47 22.97 -27.72 -4.67
CA GLN C 47 23.31 -29.11 -4.97
C GLN C 47 24.74 -29.52 -5.22
N SER C 48 24.94 -30.82 -5.09
CA SER C 48 26.25 -31.44 -5.21
C SER C 48 26.74 -31.37 -6.62
N PRO C 49 28.07 -31.44 -6.82
CA PRO C 49 28.60 -31.38 -8.18
C PRO C 49 28.28 -32.58 -9.05
N LYS C 50 27.78 -32.28 -10.26
CA LYS C 50 27.40 -33.30 -11.24
C LYS C 50 28.44 -33.46 -12.33
N LEU C 51 28.48 -34.63 -12.93
CA LEU C 51 29.45 -34.89 -13.97
C LEU C 51 28.75 -34.72 -15.27
N LEU C 52 29.33 -33.89 -16.12
CA LEU C 52 28.78 -33.65 -17.45
C LEU C 52 29.74 -34.42 -18.36
N ILE C 53 30.94 -33.89 -18.52
CA ILE C 53 31.94 -34.48 -19.42
C ILE C 53 33.12 -35.24 -18.74
N TYR C 54 33.37 -36.44 -19.22
CA TYR C 54 34.48 -37.20 -18.69
C TYR C 54 35.41 -37.76 -19.78
N LYS C 55 36.70 -37.79 -19.45
CA LYS C 55 37.75 -38.29 -20.34
C LYS C 55 37.87 -37.42 -21.54
N VAL C 56 37.96 -36.12 -21.24
CA VAL C 56 38.11 -35.05 -22.21
C VAL C 56 36.90 -34.74 -23.10
N THR C 57 36.42 -35.76 -23.81
CA THR C 57 35.35 -35.65 -24.80
C THR C 57 34.08 -36.42 -24.46
N ASN C 58 34.22 -37.59 -23.86
CA ASN C 58 33.04 -38.38 -23.52
C ASN C 58 32.04 -37.64 -22.62
N ARG C 59 30.74 -37.85 -22.85
CA ARG C 59 29.67 -37.18 -22.11
C ARG C 59 29.01 -38.17 -21.18
N PHE C 60 28.68 -37.71 -19.98
CA PHE C 60 28.08 -38.57 -18.99
C PHE C 60 26.73 -39.11 -19.44
N SER C 61 26.53 -40.41 -19.32
CA SER C 61 25.28 -41.03 -19.71
C SER C 61 24.23 -40.43 -18.82
N GLY C 62 23.59 -39.38 -19.29
CA GLY C 62 22.57 -38.73 -18.50
C GLY C 62 22.46 -37.31 -18.98
N VAL C 63 23.62 -36.79 -19.39
CA VAL C 63 23.82 -35.43 -19.90
C VAL C 63 23.38 -35.20 -21.38
N PRO C 64 22.86 -33.98 -21.70
CA PRO C 64 22.37 -33.54 -23.02
C PRO C 64 23.38 -33.39 -24.17
N ASP C 65 22.88 -33.37 -25.41
CA ASP C 65 23.73 -33.24 -26.59
C ASP C 65 24.45 -31.92 -26.79
N ARG C 66 24.00 -30.88 -26.09
CA ARG C 66 24.64 -29.57 -26.23
C ARG C 66 25.96 -29.47 -25.46
N PHE C 67 26.15 -30.40 -24.53
CA PHE C 67 27.37 -30.44 -23.73
C PHE C 67 28.42 -31.29 -24.40
N SER C 68 29.47 -30.67 -24.94
CA SER C 68 30.56 -31.42 -25.57
C SER C 68 31.90 -30.92 -25.08
N GLY C 69 32.89 -31.83 -25.11
CA GLY C 69 34.22 -31.46 -24.64
C GLY C 69 35.31 -31.76 -25.64
N SER C 70 36.32 -30.89 -25.71
CA SER C 70 37.43 -31.09 -26.62
C SER C 70 38.71 -30.51 -26.02
N GLY C 71 39.86 -31.03 -26.43
CA GLY C 71 41.08 -30.48 -25.90
C GLY C 71 42.33 -31.04 -26.51
N SER C 72 43.44 -30.48 -26.06
CA SER C 72 44.76 -30.88 -26.52
C SER C 72 45.75 -30.69 -25.35
N GLY C 73 46.17 -31.81 -24.74
CA GLY C 73 47.13 -31.78 -23.64
C GLY C 73 46.91 -30.79 -22.52
N THR C 74 47.29 -29.53 -22.71
CA THR C 74 47.12 -28.55 -21.65
C THR C 74 45.95 -27.59 -21.78
N ASP C 75 45.24 -27.61 -22.89
CA ASP C 75 44.11 -26.69 -23.09
C ASP C 75 42.87 -27.48 -23.42
N PHE C 76 41.85 -27.42 -22.55
CA PHE C 76 40.57 -28.13 -22.72
C PHE C 76 39.36 -27.18 -22.72
N THR C 77 38.32 -27.50 -23.48
CA THR C 77 37.13 -26.64 -23.60
C THR C 77 35.83 -27.37 -23.53
N LEU C 78 34.95 -26.93 -22.64
CA LEU C 78 33.59 -27.49 -22.55
C LEU C 78 32.71 -26.44 -23.28
N LYS C 79 32.04 -26.87 -24.34
CA LYS C 79 31.16 -25.98 -25.08
C LYS C 79 29.69 -26.30 -24.79
N ILE C 80 28.83 -25.31 -24.97
CA ILE C 80 27.37 -25.50 -24.88
C ILE C 80 26.77 -24.72 -26.07
N SER C 81 26.15 -25.48 -26.96
CA SER C 81 25.46 -24.94 -28.14
C SER C 81 24.07 -24.78 -27.56
N ARG C 82 23.52 -23.58 -27.57
CA ARG C 82 22.18 -23.40 -27.04
C ARG C 82 22.16 -23.43 -25.53
N VAL C 83 22.70 -22.38 -24.92
CA VAL C 83 22.65 -22.25 -23.45
C VAL C 83 21.19 -22.06 -22.99
N GLU C 84 20.65 -22.97 -22.19
CA GLU C 84 19.28 -22.83 -21.70
C GLU C 84 19.29 -22.36 -20.24
N ALA C 85 18.10 -22.05 -19.73
CA ALA C 85 17.93 -21.58 -18.37
C ALA C 85 18.47 -22.54 -17.32
N GLU C 86 18.24 -23.83 -17.53
CA GLU C 86 18.69 -24.86 -16.59
C GLU C 86 20.20 -25.07 -16.56
N ASP C 87 20.91 -24.45 -17.48
CA ASP C 87 22.35 -24.64 -17.56
C ASP C 87 23.20 -23.76 -16.65
N LEU C 88 22.60 -22.85 -15.90
CA LEU C 88 23.42 -21.98 -15.05
C LEU C 88 24.01 -22.65 -13.78
N GLY C 89 25.16 -22.17 -13.36
CA GLY C 89 25.81 -22.75 -12.20
C GLY C 89 27.29 -22.54 -12.36
N VAL C 90 28.07 -23.33 -11.62
CA VAL C 90 29.53 -23.26 -11.66
C VAL C 90 30.04 -24.51 -12.44
N TYR C 91 31.00 -24.30 -13.31
CA TYR C 91 31.55 -25.39 -14.10
C TYR C 91 32.99 -25.62 -13.71
N TYR C 92 33.30 -26.82 -13.28
CA TYR C 92 34.66 -27.11 -12.88
C TYR C 92 35.28 -28.12 -13.81
N CYS C 93 36.58 -28.03 -14.00
CA CYS C 93 37.29 -29.04 -14.77
C CYS C 93 38.12 -29.70 -13.72
N PHE C 94 38.20 -31.02 -13.81
CA PHE C 94 38.95 -31.83 -12.85
C PHE C 94 39.91 -32.77 -13.60
N GLN C 95 41.16 -32.81 -13.16
CA GLN C 95 42.15 -33.70 -13.78
C GLN C 95 42.42 -34.87 -12.84
N GLY C 96 42.18 -36.08 -13.32
CA GLY C 96 42.44 -37.24 -12.49
C GLY C 96 43.59 -38.04 -13.03
N THR C 97 44.65 -37.39 -13.50
CA THR C 97 45.78 -38.12 -14.06
C THR C 97 46.98 -38.11 -13.11
N HIS C 98 47.28 -36.92 -12.58
CA HIS C 98 48.37 -36.66 -11.67
C HIS C 98 47.93 -36.45 -10.24
N ALA C 99 48.54 -37.20 -9.33
CA ALA C 99 48.24 -37.09 -7.91
C ALA C 99 49.17 -36.03 -7.26
N PRO C 100 48.61 -35.17 -6.38
CA PRO C 100 47.21 -35.16 -5.99
C PRO C 100 46.34 -34.59 -7.14
N TYR C 101 45.09 -35.04 -7.18
CA TYR C 101 44.10 -34.65 -8.19
C TYR C 101 43.51 -33.27 -7.91
N THR C 102 43.56 -32.40 -8.90
CA THR C 102 43.11 -31.02 -8.75
C THR C 102 41.94 -30.52 -9.59
N PHE C 103 41.26 -29.48 -9.13
CA PHE C 103 40.12 -28.89 -9.87
C PHE C 103 40.45 -27.46 -10.17
N GLY C 104 39.83 -26.91 -11.23
CA GLY C 104 40.04 -25.51 -11.58
C GLY C 104 39.19 -24.60 -10.69
N GLY C 105 39.50 -23.33 -10.63
CA GLY C 105 38.73 -22.47 -9.75
C GLY C 105 37.22 -22.45 -9.96
N GLY C 106 36.79 -22.89 -11.13
CA GLY C 106 35.38 -22.87 -11.46
C GLY C 106 35.05 -21.65 -12.28
N THR C 107 33.99 -21.74 -13.09
CA THR C 107 33.56 -20.58 -13.91
C THR C 107 32.07 -20.43 -13.66
N LYS C 108 31.66 -19.22 -13.24
CA LYS C 108 30.24 -18.92 -13.01
C LYS C 108 29.42 -18.77 -14.33
N LEU C 109 28.36 -19.54 -14.45
CA LEU C 109 27.54 -19.40 -15.64
C LEU C 109 26.37 -18.46 -15.40
N GLU C 110 26.36 -17.30 -16.03
CA GLU C 110 25.24 -16.43 -15.84
C GLU C 110 24.36 -16.08 -17.07
N ILE C 111 23.07 -16.38 -16.96
CA ILE C 111 22.12 -16.14 -18.04
C ILE C 111 21.67 -14.73 -18.15
N LYS C 112 21.99 -14.07 -19.26
CA LYS C 112 21.51 -12.70 -19.47
C LYS C 112 20.11 -12.74 -20.07
N ARG C 113 19.27 -11.78 -19.69
CA ARG C 113 17.92 -11.73 -20.22
C ARG C 113 17.28 -10.36 -20.29
N ALA C 114 15.97 -10.33 -20.37
CA ALA C 114 15.31 -9.05 -20.48
C ALA C 114 14.70 -8.68 -19.14
N ASP C 115 14.97 -7.44 -18.75
CA ASP C 115 14.47 -6.91 -17.51
C ASP C 115 13.06 -7.33 -17.18
N ALA C 116 12.87 -7.67 -15.91
CA ALA C 116 11.56 -7.99 -15.36
C ALA C 116 11.64 -7.28 -14.00
N ALA C 117 10.70 -6.39 -13.76
CA ALA C 117 10.68 -5.67 -12.49
C ALA C 117 10.22 -6.66 -11.40
N PRO C 118 10.60 -6.38 -10.15
CA PRO C 118 10.28 -7.20 -8.99
C PRO C 118 8.89 -7.14 -8.41
N THR C 119 8.39 -8.28 -7.96
CA THR C 119 7.12 -8.24 -7.30
C THR C 119 7.54 -7.88 -5.87
N VAL C 120 7.39 -6.59 -5.53
CA VAL C 120 7.74 -6.07 -4.20
C VAL C 120 6.70 -6.30 -3.06
N SER C 121 7.20 -6.64 -1.87
CA SER C 121 6.35 -6.90 -0.72
C SER C 121 6.97 -6.37 0.57
N ILE C 122 6.29 -5.46 1.29
CA ILE C 122 6.81 -4.92 2.55
C ILE C 122 6.11 -5.47 3.76
N PHE C 123 6.93 -5.66 4.79
CA PHE C 123 6.49 -6.16 6.09
C PHE C 123 6.91 -5.24 7.26
N PRO C 124 5.96 -5.00 8.18
CA PRO C 124 6.23 -4.17 9.36
C PRO C 124 6.64 -5.19 10.40
N PRO C 125 7.44 -4.78 11.40
CA PRO C 125 7.87 -5.73 12.44
C PRO C 125 6.68 -6.40 13.07
N SER C 126 6.76 -7.71 13.23
CA SER C 126 5.65 -8.44 13.82
C SER C 126 5.52 -8.04 15.27
N SER C 127 4.44 -8.47 15.87
CA SER C 127 4.17 -8.16 17.27
C SER C 127 5.23 -8.75 18.20
N GLU C 128 5.39 -10.07 18.08
CA GLU C 128 6.35 -10.81 18.89
C GLU C 128 7.68 -10.07 18.93
N GLN C 129 8.09 -9.65 17.73
CA GLN C 129 9.33 -8.99 17.40
C GLN C 129 9.76 -7.68 18.10
N LEU C 130 8.82 -6.84 18.55
CA LEU C 130 9.21 -5.56 19.15
C LEU C 130 9.24 -5.58 20.66
N THR C 131 8.48 -6.48 21.23
CA THR C 131 8.42 -6.64 22.66
C THR C 131 9.86 -6.81 23.15
N SER C 132 10.71 -7.37 22.27
CA SER C 132 12.14 -7.57 22.54
C SER C 132 12.93 -6.26 22.32
N GLY C 133 12.24 -5.20 21.96
CA GLY C 133 12.88 -3.92 21.75
C GLY C 133 13.54 -3.75 20.41
N GLY C 134 13.36 -4.72 19.54
CA GLY C 134 13.95 -4.60 18.22
C GLY C 134 12.85 -4.60 17.17
N ALA C 135 13.06 -3.80 16.10
CA ALA C 135 12.09 -3.66 15.02
C ALA C 135 12.75 -3.87 13.68
N SER C 136 12.29 -4.92 12.99
CA SER C 136 12.78 -5.34 11.67
C SER C 136 11.72 -5.16 10.55
N VAL C 137 12.05 -4.38 9.54
CA VAL C 137 11.14 -4.19 8.42
C VAL C 137 11.74 -4.86 7.19
N VAL C 138 11.05 -5.89 6.70
CA VAL C 138 11.50 -6.67 5.55
C VAL C 138 10.67 -6.35 4.31
N CYS C 139 11.39 -6.11 3.23
CA CYS C 139 10.82 -5.81 1.93
C CYS C 139 11.38 -6.75 0.85
N PHE C 140 10.57 -7.75 0.47
CA PHE C 140 10.91 -8.68 -0.59
C PHE C 140 10.70 -8.05 -2.00
N LEU C 141 11.62 -8.39 -2.88
CA LEU C 141 11.59 -7.95 -4.26
C LEU C 141 11.85 -9.23 -5.01
N ASN C 142 10.81 -9.90 -5.46
CA ASN C 142 10.99 -11.16 -6.15
C ASN C 142 11.12 -11.02 -7.64
N ASN C 143 11.70 -12.06 -8.24
CA ASN C 143 11.84 -12.21 -9.68
C ASN C 143 12.30 -11.03 -10.57
N PHE C 144 13.20 -10.20 -10.12
CA PHE C 144 13.60 -9.10 -10.98
C PHE C 144 14.73 -9.53 -11.88
N TYR C 145 15.21 -8.56 -12.64
CA TYR C 145 16.32 -8.72 -13.56
C TYR C 145 16.51 -7.36 -14.18
N PRO C 146 17.77 -6.87 -14.25
CA PRO C 146 19.03 -7.44 -13.78
C PRO C 146 19.29 -7.38 -12.28
N LYS C 147 20.32 -8.12 -11.84
CA LYS C 147 20.74 -8.23 -10.42
C LYS C 147 21.01 -6.92 -9.71
N ASP C 148 21.90 -6.15 -10.28
CA ASP C 148 22.35 -4.85 -9.74
C ASP C 148 21.25 -3.80 -9.69
N ILE C 149 20.40 -3.95 -8.70
CA ILE C 149 19.23 -3.10 -8.45
C ILE C 149 19.32 -2.53 -7.04
N ASN C 150 18.74 -1.35 -6.81
CA ASN C 150 18.79 -0.84 -5.45
C ASN C 150 17.43 -0.65 -4.78
N VAL C 151 17.27 -1.22 -3.59
CA VAL C 151 16.04 -1.02 -2.83
C VAL C 151 16.31 0.28 -2.11
N LYS C 152 15.27 1.04 -1.87
CA LYS C 152 15.41 2.29 -1.14
C LYS C 152 14.43 2.42 0.02
N TRP C 153 14.94 2.93 1.12
CA TRP C 153 14.14 3.11 2.31
C TRP C 153 13.85 4.56 2.58
N LYS C 154 12.57 4.87 2.63
CA LYS C 154 12.13 6.22 2.87
C LYS C 154 11.32 6.04 4.11
N ILE C 155 11.88 6.52 5.22
CA ILE C 155 11.20 6.46 6.50
C ILE C 155 10.63 7.86 6.67
N ASP C 156 9.30 7.97 6.70
CA ASP C 156 8.60 9.26 6.82
C ASP C 156 9.11 10.20 5.74
N GLY C 157 9.48 9.59 4.60
CA GLY C 157 10.00 10.32 3.46
C GLY C 157 11.47 10.63 3.62
N SER C 158 11.97 10.47 4.84
CA SER C 158 13.36 10.74 5.18
C SER C 158 14.19 9.59 4.65
N GLU C 159 15.31 9.85 3.99
CA GLU C 159 16.13 8.74 3.51
C GLU C 159 16.96 8.03 4.61
N ARG C 160 16.92 6.71 4.59
CA ARG C 160 17.63 5.85 5.55
C ARG C 160 18.70 4.99 4.81
N GLN C 161 19.98 5.35 5.01
CA GLN C 161 21.11 4.69 4.39
C GLN C 161 21.45 3.34 5.04
N ASN C 162 21.79 3.32 6.32
CA ASN C 162 22.17 2.08 7.01
C ASN C 162 21.10 1.48 7.91
N GLY C 163 21.40 0.29 8.42
CA GLY C 163 20.50 -0.44 9.28
C GLY C 163 19.72 -1.32 8.33
N VAL C 164 20.35 -1.61 7.20
CA VAL C 164 19.77 -2.39 6.13
C VAL C 164 20.61 -3.58 5.74
N LEU C 165 20.01 -4.76 5.82
CA LEU C 165 20.67 -6.00 5.46
C LEU C 165 20.19 -6.44 4.12
N ASN C 166 21.03 -6.38 3.11
CA ASN C 166 20.63 -6.85 1.80
C ASN C 166 21.10 -8.29 1.51
N SER C 167 20.15 -9.19 1.20
CA SER C 167 20.46 -10.55 0.85
C SER C 167 19.83 -10.99 -0.47
N TRP C 168 20.63 -10.98 -1.53
CA TRP C 168 20.22 -11.40 -2.88
C TRP C 168 20.19 -12.93 -3.04
N THR C 169 19.15 -13.49 -3.66
CA THR C 169 19.09 -14.95 -3.85
C THR C 169 19.85 -15.30 -5.10
N ASP C 170 19.89 -16.59 -5.42
CA ASP C 170 20.55 -17.02 -6.64
C ASP C 170 19.66 -16.81 -7.86
N GLN C 171 20.28 -16.74 -9.04
CA GLN C 171 19.56 -16.57 -10.31
C GLN C 171 18.76 -17.86 -10.51
N ASP C 172 17.50 -17.72 -10.89
CA ASP C 172 16.62 -18.88 -11.07
C ASP C 172 16.91 -19.59 -12.38
N SER C 173 16.38 -20.80 -12.51
CA SER C 173 16.59 -21.58 -13.72
C SER C 173 15.30 -21.68 -14.52
N LYS C 174 14.16 -21.73 -13.82
CA LYS C 174 12.86 -21.79 -14.45
C LYS C 174 12.60 -20.51 -15.30
N ASP C 175 13.06 -19.34 -14.82
CA ASP C 175 12.83 -18.07 -15.55
C ASP C 175 14.00 -17.10 -15.68
N SER C 176 15.10 -17.39 -15.00
CA SER C 176 16.28 -16.56 -15.15
C SER C 176 16.31 -15.13 -14.55
N THR C 177 15.86 -15.02 -13.31
CA THR C 177 15.85 -13.76 -12.58
C THR C 177 16.47 -13.95 -11.19
N TYR C 178 16.19 -13.00 -10.30
CA TYR C 178 16.62 -13.05 -8.90
C TYR C 178 15.43 -12.63 -8.04
N SER C 179 15.65 -12.64 -6.74
CA SER C 179 14.71 -12.21 -5.74
C SER C 179 15.71 -11.70 -4.71
N MET C 180 15.27 -10.84 -3.80
CA MET C 180 16.14 -10.27 -2.78
C MET C 180 15.37 -9.79 -1.59
N SER C 181 16.09 -9.62 -0.48
CA SER C 181 15.53 -9.25 0.78
C SER C 181 16.30 -8.06 1.36
N SER C 182 15.56 -7.08 1.84
CA SER C 182 16.16 -5.91 2.43
C SER C 182 15.43 -5.84 3.75
N THR C 183 16.17 -5.95 4.83
CA THR C 183 15.57 -5.88 6.15
C THR C 183 16.24 -4.69 6.77
N LEU C 184 15.45 -3.90 7.47
CA LEU C 184 15.93 -2.69 8.09
C LEU C 184 15.67 -2.89 9.55
N THR C 185 16.73 -2.89 10.36
CA THR C 185 16.54 -3.05 11.78
C THR C 185 16.84 -1.80 12.60
N LEU C 186 15.85 -1.43 13.38
CA LEU C 186 16.00 -0.31 14.26
C LEU C 186 15.39 -0.68 15.59
N THR C 187 15.80 0.04 16.61
CA THR C 187 15.33 -0.16 17.96
C THR C 187 13.81 0.06 17.94
N LYS C 188 13.10 -0.61 18.84
CA LYS C 188 11.64 -0.47 18.96
C LYS C 188 11.26 0.99 18.99
N ASP C 189 12.13 1.83 19.54
CA ASP C 189 11.85 3.26 19.66
C ASP C 189 11.70 3.85 18.30
N GLU C 190 12.83 3.87 17.57
CA GLU C 190 12.85 4.42 16.23
C GLU C 190 11.61 4.00 15.46
N TYR C 191 11.22 2.74 15.57
CA TYR C 191 10.01 2.27 14.90
C TYR C 191 8.82 3.15 15.30
N GLU C 192 8.55 3.14 16.61
CA GLU C 192 7.49 3.89 17.27
C GLU C 192 7.57 5.39 17.15
N ARG C 193 8.71 5.87 16.72
CA ARG C 193 8.97 7.29 16.59
C ARG C 193 8.75 7.76 15.18
N HIS C 194 8.48 6.84 14.27
CA HIS C 194 8.17 7.23 12.91
C HIS C 194 6.86 6.58 12.51
N ASN C 195 6.25 7.01 11.41
CA ASN C 195 4.98 6.42 11.00
C ASN C 195 5.02 5.59 9.74
N SER C 196 5.46 6.18 8.64
CA SER C 196 5.50 5.50 7.35
C SER C 196 6.84 4.98 6.92
N TYR C 197 6.84 3.71 6.50
CA TYR C 197 8.02 3.01 6.01
C TYR C 197 7.83 2.55 4.58
N THR C 198 8.63 3.13 3.71
CA THR C 198 8.60 2.82 2.29
C THR C 198 9.88 2.15 1.75
N CYS C 199 9.62 1.28 0.79
CA CYS C 199 10.62 0.54 0.10
C CYS C 199 10.43 0.82 -1.40
N GLU C 200 11.46 1.43 -1.99
CA GLU C 200 11.51 1.79 -3.39
C GLU C 200 12.58 1.03 -4.19
N ALA C 201 12.15 0.22 -5.17
CA ALA C 201 13.05 -0.50 -6.01
C ALA C 201 13.27 0.31 -7.30
N THR C 202 14.34 1.09 -7.34
CA THR C 202 14.65 1.86 -8.55
C THR C 202 15.30 0.87 -9.53
N HIS C 203 14.55 0.57 -10.56
CA HIS C 203 14.97 -0.40 -11.55
C HIS C 203 15.56 0.17 -12.86
N LYS C 204 15.64 -0.71 -13.85
CA LYS C 204 16.18 -0.34 -15.16
C LYS C 204 15.17 0.13 -16.28
N THR C 205 14.35 -0.80 -16.81
CA THR C 205 13.46 -0.44 -17.93
C THR C 205 12.36 0.61 -17.83
N SER C 206 12.66 1.78 -18.38
CA SER C 206 11.68 2.86 -18.41
C SER C 206 11.26 3.62 -17.15
N THR C 207 12.13 4.47 -16.60
CA THR C 207 11.77 5.34 -15.44
C THR C 207 10.67 4.93 -14.40
N SER C 208 10.63 3.71 -13.91
CA SER C 208 9.54 3.46 -13.00
C SER C 208 10.02 2.77 -11.76
N PRO C 209 9.88 3.47 -10.60
CA PRO C 209 10.32 2.81 -9.37
C PRO C 209 9.11 2.18 -8.84
N ILE C 210 9.22 1.00 -8.29
CA ILE C 210 8.04 0.37 -7.74
C ILE C 210 8.13 0.75 -6.29
N VAL C 211 7.05 1.25 -5.72
CA VAL C 211 7.06 1.66 -4.33
C VAL C 211 6.02 0.92 -3.52
N LYS C 212 6.43 0.32 -2.42
CA LYS C 212 5.51 -0.36 -1.49
C LYS C 212 5.64 0.30 -0.13
N SER C 213 4.52 0.41 0.60
CA SER C 213 4.58 1.04 1.90
C SER C 213 3.49 0.62 2.89
N PHE C 214 3.74 0.89 4.17
CA PHE C 214 2.75 0.62 5.17
C PHE C 214 2.78 1.87 6.02
N ASN C 215 1.80 2.00 6.88
CA ASN C 215 1.73 3.13 7.77
C ASN C 215 1.66 2.43 9.13
N ARG C 216 2.72 2.67 9.93
CA ARG C 216 2.93 2.07 11.27
C ARG C 216 1.92 2.29 12.37
N GLU D 1 19.35 -44.54 -8.45
CA GLU D 1 20.00 -45.86 -8.77
C GLU D 1 21.00 -46.05 -7.61
N VAL D 2 22.19 -45.50 -7.74
CA VAL D 2 23.16 -45.57 -6.65
C VAL D 2 22.81 -44.30 -5.90
N GLN D 3 22.96 -44.33 -4.59
CA GLN D 3 22.69 -43.14 -3.78
C GLN D 3 23.77 -43.04 -2.67
N LEU D 4 24.54 -41.94 -2.75
CA LEU D 4 25.59 -41.63 -1.80
C LEU D 4 24.94 -40.76 -0.74
N GLN D 5 24.54 -41.37 0.37
CA GLN D 5 23.87 -40.68 1.47
C GLN D 5 24.78 -40.20 2.62
N GLN D 6 25.19 -38.94 2.56
CA GLN D 6 26.00 -38.33 3.60
C GLN D 6 24.98 -37.68 4.55
N SER D 7 25.05 -38.03 5.83
CA SER D 7 24.13 -37.44 6.79
C SER D 7 24.87 -36.60 7.82
N GLY D 8 24.19 -35.54 8.27
CA GLY D 8 24.69 -34.66 9.31
C GLY D 8 25.61 -33.46 9.11
N PRO D 9 25.07 -32.25 8.94
CA PRO D 9 25.89 -31.04 8.78
C PRO D 9 26.12 -30.58 10.21
N GLU D 10 27.33 -30.68 10.76
CA GLU D 10 27.46 -30.32 12.15
C GLU D 10 28.46 -29.27 12.62
N LEU D 11 28.38 -28.99 13.93
CA LEU D 11 29.24 -28.03 14.62
C LEU D 11 30.13 -28.75 15.66
N VAL D 12 31.45 -28.63 15.49
CA VAL D 12 32.44 -29.26 16.36
C VAL D 12 33.38 -28.18 16.88
N LYS D 13 33.84 -28.34 18.11
CA LYS D 13 34.75 -27.35 18.74
C LYS D 13 36.18 -27.47 18.22
N PRO D 14 36.96 -26.40 18.40
CA PRO D 14 38.34 -26.46 17.93
C PRO D 14 39.19 -27.61 18.53
N GLY D 15 40.24 -28.00 17.83
CA GLY D 15 41.07 -29.09 18.28
C GLY D 15 40.28 -30.36 18.61
N ALA D 16 39.02 -30.42 18.20
CA ALA D 16 38.24 -31.59 18.45
C ALA D 16 38.42 -32.57 17.26
N SER D 17 37.62 -33.62 17.19
CA SER D 17 37.71 -34.58 16.10
C SER D 17 36.31 -34.86 15.63
N VAL D 18 36.16 -35.12 14.35
CA VAL D 18 34.85 -35.40 13.79
C VAL D 18 34.83 -36.54 12.79
N LYS D 19 33.69 -37.22 12.66
CA LYS D 19 33.58 -38.36 11.78
C LYS D 19 32.31 -38.27 10.92
N MET D 20 32.50 -38.30 9.60
CA MET D 20 31.41 -38.22 8.61
C MET D 20 31.21 -39.54 7.89
N SER D 21 29.95 -39.88 7.60
CA SER D 21 29.58 -41.12 6.92
C SER D 21 29.14 -40.89 5.48
N CYS D 22 29.08 -41.96 4.71
CA CYS D 22 28.63 -41.95 3.31
C CYS D 22 27.94 -43.28 3.20
N LYS D 23 26.63 -43.30 3.20
CA LYS D 23 25.94 -44.59 3.08
C LYS D 23 25.82 -44.97 1.60
N ALA D 24 26.52 -46.02 1.21
CA ALA D 24 26.45 -46.46 -0.18
C ALA D 24 25.31 -47.48 -0.36
N SER D 25 24.30 -47.07 -1.14
CA SER D 25 23.12 -47.89 -1.40
C SER D 25 22.98 -48.18 -2.85
N GLY D 26 22.37 -49.31 -3.17
CA GLY D 26 22.14 -49.69 -4.55
C GLY D 26 23.29 -49.97 -5.49
N TYR D 27 24.48 -50.15 -4.98
CA TYR D 27 25.62 -50.45 -5.84
C TYR D 27 26.60 -51.28 -5.03
N THR D 28 27.32 -52.21 -5.67
CA THR D 28 28.25 -53.04 -4.93
C THR D 28 29.31 -52.17 -4.34
N PHE D 29 29.17 -51.99 -3.04
CA PHE D 29 30.03 -51.14 -2.24
C PHE D 29 31.51 -51.55 -2.29
N THR D 30 31.78 -52.85 -2.45
CA THR D 30 33.15 -53.35 -2.44
C THR D 30 33.95 -53.08 -3.68
N ASP D 31 33.26 -53.02 -4.82
CA ASP D 31 33.92 -52.81 -6.11
C ASP D 31 34.37 -51.41 -6.52
N TYR D 32 33.80 -50.37 -5.93
CA TYR D 32 34.14 -48.97 -6.29
C TYR D 32 34.98 -48.18 -5.27
N TYR D 33 35.81 -47.27 -5.75
CA TYR D 33 36.59 -46.44 -4.84
C TYR D 33 35.69 -45.35 -4.29
N ILE D 34 35.77 -45.06 -3.00
CA ILE D 34 34.99 -43.95 -2.48
C ILE D 34 36.06 -42.91 -2.15
N HIS D 35 35.80 -41.69 -2.58
CA HIS D 35 36.74 -40.62 -2.38
C HIS D 35 36.08 -39.64 -1.44
N TRP D 36 36.87 -38.67 -0.99
CA TRP D 36 36.43 -37.59 -0.13
C TRP D 36 37.07 -36.40 -0.77
N ASN D 37 36.23 -35.39 -0.97
CA ASN D 37 36.60 -34.14 -1.64
C ASN D 37 36.23 -33.03 -0.72
N LYS D 38 36.95 -31.92 -0.79
CA LYS D 38 36.64 -30.81 0.12
C LYS D 38 36.19 -29.57 -0.63
N GLN D 39 35.20 -28.85 -0.08
CA GLN D 39 34.74 -27.58 -0.67
C GLN D 39 34.64 -26.43 0.34
N SER D 40 35.41 -25.39 0.13
CA SER D 40 35.45 -24.27 1.04
C SER D 40 34.39 -23.22 0.75
N HIS D 41 33.13 -23.45 1.15
CA HIS D 41 32.05 -22.46 0.98
C HIS D 41 31.69 -22.06 -0.47
N GLY D 42 31.04 -22.96 -1.16
CA GLY D 42 30.60 -22.70 -2.52
C GLY D 42 31.53 -22.27 -3.67
N LYS D 43 32.86 -22.28 -3.50
CA LYS D 43 33.74 -21.89 -4.62
C LYS D 43 34.94 -22.78 -4.98
N SER D 44 35.58 -23.43 -4.00
CA SER D 44 36.79 -24.25 -4.33
C SER D 44 36.84 -25.73 -3.92
N LEU D 45 37.31 -26.56 -4.84
CA LEU D 45 37.44 -27.98 -4.55
C LEU D 45 38.90 -28.50 -4.44
N GLU D 46 39.09 -29.43 -3.53
CA GLU D 46 40.41 -30.02 -3.27
C GLU D 46 40.11 -31.46 -3.08
N TRP D 47 41.07 -32.30 -3.39
CA TRP D 47 40.83 -33.70 -3.20
C TRP D 47 41.56 -34.18 -1.95
N ILE D 48 40.83 -34.82 -1.05
CA ILE D 48 41.42 -35.30 0.19
C ILE D 48 42.20 -36.63 -0.01
N GLY D 49 41.52 -37.67 -0.50
CA GLY D 49 42.16 -38.96 -0.72
C GLY D 49 41.03 -39.94 -0.94
N TYR D 50 41.34 -41.24 -1.10
CA TYR D 50 40.32 -42.27 -1.28
C TYR D 50 40.61 -43.55 -0.51
N ILE D 51 39.67 -44.49 -0.57
CA ILE D 51 39.82 -45.77 0.10
C ILE D 51 39.00 -46.72 -0.75
N TYR D 52 39.43 -47.98 -0.81
CA TYR D 52 38.80 -48.98 -1.63
C TYR D 52 38.10 -50.04 -0.81
N PRO D 53 36.81 -49.86 -0.54
CA PRO D 53 36.01 -50.80 0.24
C PRO D 53 36.32 -52.31 0.16
N ASN D 54 37.04 -52.80 -0.84
CA ASN D 54 37.27 -54.26 -0.83
C ASN D 54 38.53 -54.58 -0.03
N ASN D 55 39.63 -54.00 -0.47
CA ASN D 55 40.97 -54.15 0.13
C ASN D 55 41.09 -53.40 1.44
N GLY D 56 40.88 -52.10 1.33
CA GLY D 56 41.03 -51.19 2.44
C GLY D 56 42.23 -50.35 2.01
N GLY D 57 42.55 -50.45 0.71
CA GLY D 57 43.62 -49.68 0.12
C GLY D 57 43.24 -48.23 0.22
N ASN D 58 44.22 -47.33 0.27
CA ASN D 58 43.90 -45.93 0.41
C ASN D 58 45.03 -45.10 -0.12
N GLY D 59 44.79 -43.79 -0.17
CA GLY D 59 45.77 -42.85 -0.65
C GLY D 59 45.27 -41.55 -0.04
N TYR D 60 46.15 -40.58 0.16
CA TYR D 60 45.81 -39.31 0.74
C TYR D 60 46.72 -38.28 0.13
N ASN D 61 46.23 -37.06 0.09
CA ASN D 61 46.90 -35.89 -0.45
C ASN D 61 47.86 -35.44 0.65
N HIS D 62 49.07 -35.00 0.33
CA HIS D 62 50.00 -34.56 1.40
C HIS D 62 49.41 -33.49 2.33
N LYS D 63 48.40 -32.78 1.83
CA LYS D 63 47.71 -31.72 2.54
C LYS D 63 46.82 -32.28 3.65
N PHE D 64 46.28 -33.46 3.43
CA PHE D 64 45.40 -34.09 4.40
C PHE D 64 46.07 -35.31 4.99
N LYS D 65 47.35 -35.47 4.66
CA LYS D 65 48.14 -36.62 5.08
C LYS D 65 47.84 -36.97 6.51
N GLY D 66 48.33 -36.16 7.42
CA GLY D 66 48.10 -36.45 8.81
C GLY D 66 46.97 -35.68 9.46
N LYS D 67 46.00 -35.22 8.67
CA LYS D 67 44.83 -34.48 9.16
C LYS D 67 43.60 -35.39 9.09
N ALA D 68 43.44 -36.07 7.96
CA ALA D 68 42.28 -36.94 7.78
C ALA D 68 42.65 -38.41 7.75
N THR D 69 41.67 -39.24 8.11
CA THR D 69 41.77 -40.69 8.14
C THR D 69 40.54 -41.27 7.50
N LEU D 70 40.77 -42.13 6.52
CA LEU D 70 39.70 -42.77 5.75
C LEU D 70 39.46 -44.21 6.08
N THR D 71 38.22 -44.55 6.38
CA THR D 71 37.85 -45.90 6.73
C THR D 71 36.44 -46.30 6.21
N VAL D 72 36.23 -47.60 5.96
CA VAL D 72 34.92 -48.08 5.51
C VAL D 72 34.39 -49.18 6.43
N ASP D 73 33.07 -49.36 6.39
CA ASP D 73 32.39 -50.35 7.17
C ASP D 73 31.53 -51.08 6.15
N LYS D 74 32.03 -52.20 5.64
CA LYS D 74 31.38 -53.00 4.59
C LYS D 74 30.07 -53.75 4.89
N SER D 75 29.87 -54.16 6.13
CA SER D 75 28.68 -54.88 6.57
C SER D 75 27.50 -53.97 6.45
N SER D 76 27.73 -52.70 6.72
CA SER D 76 26.68 -51.70 6.64
C SER D 76 26.87 -50.81 5.43
N SER D 77 27.94 -51.11 4.67
CA SER D 77 28.26 -50.41 3.43
C SER D 77 28.37 -48.89 3.61
N THR D 78 29.10 -48.50 4.64
CA THR D 78 29.28 -47.08 4.98
C THR D 78 30.74 -46.65 4.89
N ALA D 79 31.04 -45.60 4.15
CA ALA D 79 32.40 -45.11 4.08
C ALA D 79 32.48 -44.09 5.21
N TYR D 80 33.70 -43.71 5.59
CA TYR D 80 33.90 -42.76 6.66
C TYR D 80 35.15 -41.97 6.51
N MET D 81 35.09 -40.74 6.98
CA MET D 81 36.26 -39.89 7.00
C MET D 81 36.27 -39.28 8.42
N ASP D 82 37.30 -39.62 9.19
CA ASP D 82 37.49 -39.21 10.61
C ASP D 82 38.50 -38.08 10.44
N VAL D 83 38.10 -36.86 10.72
CA VAL D 83 39.01 -35.75 10.56
C VAL D 83 39.38 -35.37 11.97
N ARG D 84 40.55 -34.75 12.17
CA ARG D 84 41.05 -34.43 13.52
C ARG D 84 41.85 -33.15 13.65
N THR D 85 42.10 -32.79 14.92
CA THR D 85 42.85 -31.59 15.32
C THR D 85 42.41 -30.40 14.47
N LEU D 86 41.12 -30.12 14.60
CA LEU D 86 40.49 -29.07 13.84
C LEU D 86 41.05 -27.70 14.09
N THR D 87 40.77 -26.81 13.14
CA THR D 87 41.22 -25.43 13.14
C THR D 87 40.16 -24.68 12.36
N SER D 88 40.21 -23.35 12.37
CA SER D 88 39.25 -22.53 11.61
C SER D 88 39.25 -23.01 10.14
N GLU D 89 40.43 -23.34 9.66
CA GLU D 89 40.64 -23.82 8.30
C GLU D 89 39.86 -25.09 7.91
N ASP D 90 39.22 -25.74 8.88
CA ASP D 90 38.51 -26.98 8.59
C ASP D 90 37.03 -26.90 8.26
N SER D 91 36.44 -25.75 8.54
CA SER D 91 35.06 -25.52 8.20
C SER D 91 34.99 -25.34 6.65
N ALA D 92 34.25 -26.25 6.04
CA ALA D 92 33.98 -26.32 4.60
C ALA D 92 32.99 -27.45 4.44
N VAL D 93 32.68 -27.80 3.21
CA VAL D 93 31.73 -28.88 2.94
C VAL D 93 32.49 -30.12 2.44
N TYR D 94 32.13 -31.32 2.92
CA TYR D 94 32.84 -32.53 2.52
C TYR D 94 31.97 -33.50 1.76
N TYR D 95 32.41 -33.84 0.55
CA TYR D 95 31.68 -34.74 -0.35
C TYR D 95 32.37 -36.10 -0.51
N CYS D 96 31.62 -37.18 -0.31
CA CYS D 96 32.20 -38.48 -0.64
C CYS D 96 31.80 -38.66 -2.12
N GLY D 97 32.67 -39.26 -2.92
CA GLY D 97 32.32 -39.45 -4.32
C GLY D 97 32.77 -40.83 -4.84
N ARG D 98 31.82 -41.63 -5.32
CA ARG D 98 32.14 -42.96 -5.83
C ARG D 98 32.87 -42.87 -7.16
N SER D 99 33.92 -43.65 -7.30
CA SER D 99 34.70 -43.65 -8.53
C SER D 99 35.14 -45.08 -8.78
N THR D 100 35.36 -45.36 -10.05
CA THR D 100 35.81 -46.64 -10.54
C THR D 100 37.29 -46.39 -10.91
N TRP D 101 38.06 -47.43 -11.30
CA TRP D 101 39.47 -47.16 -11.60
C TRP D 101 39.75 -45.94 -12.41
N ASP D 102 38.84 -45.57 -13.30
CA ASP D 102 39.02 -44.42 -14.20
C ASP D 102 38.36 -43.07 -13.81
N ASP D 103 37.10 -43.10 -13.34
CA ASP D 103 36.42 -41.84 -13.04
C ASP D 103 35.41 -41.93 -11.93
N PHE D 104 34.94 -40.77 -11.54
CA PHE D 104 33.93 -40.61 -10.54
C PHE D 104 32.62 -40.88 -11.26
N ASP D 105 31.70 -41.53 -10.57
CA ASP D 105 30.37 -41.83 -11.09
C ASP D 105 29.46 -40.74 -10.44
N TYR D 106 29.37 -40.76 -9.12
CA TYR D 106 28.50 -39.84 -8.41
C TYR D 106 29.08 -39.37 -7.07
N TRP D 107 28.75 -38.14 -6.65
CA TRP D 107 29.21 -37.65 -5.32
C TRP D 107 28.00 -37.69 -4.38
N GLY D 108 28.18 -37.29 -3.13
CA GLY D 108 27.04 -37.26 -2.21
C GLY D 108 26.58 -35.82 -2.14
N GLN D 109 25.57 -35.52 -1.35
CA GLN D 109 25.09 -34.14 -1.25
C GLN D 109 26.03 -33.21 -0.49
N GLY D 110 26.94 -33.81 0.28
CA GLY D 110 27.88 -33.02 1.06
C GLY D 110 27.54 -33.03 2.54
N THR D 111 28.50 -32.60 3.32
CA THR D 111 28.37 -32.47 4.75
C THR D 111 28.99 -31.13 5.06
N THR D 112 28.38 -30.42 6.00
CA THR D 112 28.86 -29.09 6.33
C THR D 112 29.47 -29.14 7.73
N LEU D 113 30.62 -28.50 7.92
CA LEU D 113 31.29 -28.56 9.22
C LEU D 113 31.62 -27.16 9.70
N THR D 114 31.16 -26.86 10.89
CA THR D 114 31.45 -25.56 11.48
C THR D 114 32.29 -25.87 12.72
N VAL D 115 33.58 -25.55 12.68
CA VAL D 115 34.45 -25.77 13.82
C VAL D 115 34.47 -24.43 14.53
N SER D 116 33.88 -24.34 15.70
CA SER D 116 33.92 -23.04 16.35
C SER D 116 33.83 -23.14 17.86
N SER D 117 34.50 -22.21 18.54
CA SER D 117 34.45 -22.14 20.00
C SER D 117 33.11 -21.48 20.37
N ALA D 118 32.67 -20.50 19.57
CA ALA D 118 31.39 -19.81 19.79
C ALA D 118 30.32 -20.90 19.96
N LYS D 119 29.28 -20.59 20.72
CA LYS D 119 28.28 -21.62 20.97
C LYS D 119 27.03 -21.55 20.12
N THR D 120 26.35 -22.69 20.01
CA THR D 120 25.15 -22.74 19.22
C THR D 120 24.06 -21.87 19.87
N THR D 121 23.70 -20.80 19.16
CA THR D 121 22.63 -19.91 19.57
C THR D 121 21.48 -20.22 18.62
N PRO D 122 20.35 -20.63 19.19
CA PRO D 122 19.15 -20.99 18.40
C PRO D 122 18.51 -19.74 17.78
N PRO D 123 17.53 -19.91 16.87
CA PRO D 123 16.97 -18.68 16.32
C PRO D 123 15.79 -18.11 17.15
N SER D 124 15.10 -17.17 16.52
CA SER D 124 13.94 -16.48 17.05
C SER D 124 13.15 -16.23 15.75
N VAL D 125 12.13 -17.02 15.49
CA VAL D 125 11.36 -16.88 14.24
C VAL D 125 10.13 -15.95 14.24
N TYR D 126 10.18 -14.98 13.36
CA TYR D 126 9.14 -13.99 13.25
C TYR D 126 8.27 -14.12 12.00
N PRO D 127 6.97 -14.41 12.17
CA PRO D 127 6.05 -14.55 11.06
C PRO D 127 5.74 -13.17 10.48
N LEU D 128 6.13 -12.95 9.25
CA LEU D 128 5.88 -11.72 8.53
C LEU D 128 4.53 -11.93 7.82
N ALA D 129 3.53 -11.13 8.13
CA ALA D 129 2.23 -11.32 7.49
C ALA D 129 1.94 -10.20 6.51
N PRO D 130 0.89 -10.33 5.67
CA PRO D 130 0.66 -9.24 4.74
C PRO D 130 0.24 -7.97 5.41
N GLY D 131 1.01 -6.94 5.04
CA GLY D 131 0.82 -5.58 5.48
C GLY D 131 0.13 -4.97 4.28
N SER D 132 -0.24 -3.70 4.36
CA SER D 132 -0.94 -3.01 3.28
C SER D 132 -0.31 -2.47 1.99
N ALA D 133 -0.86 -3.05 0.94
CA ALA D 133 -0.67 -2.83 -0.50
C ALA D 133 -2.09 -3.43 -0.64
N ALA D 134 -3.01 -2.81 -1.35
CA ALA D 134 -4.36 -3.38 -1.26
C ALA D 134 -4.87 -4.73 -1.75
N GLN D 135 -5.10 -4.87 -3.04
CA GLN D 135 -5.60 -6.10 -3.55
C GLN D 135 -4.49 -6.84 -4.26
N THR D 136 -3.80 -7.69 -3.51
CA THR D 136 -2.74 -8.50 -4.07
C THR D 136 -3.37 -9.26 -5.26
N ASN D 137 -2.70 -9.21 -6.39
CA ASN D 137 -3.21 -9.82 -7.60
C ASN D 137 -4.21 -10.96 -7.43
N SER D 138 -3.74 -12.13 -7.12
CA SER D 138 -4.62 -13.27 -6.93
C SER D 138 -3.83 -14.18 -5.97
N MET D 139 -2.68 -13.66 -5.56
CA MET D 139 -1.74 -14.29 -4.67
C MET D 139 -1.46 -13.40 -3.47
N VAL D 140 -0.80 -13.99 -2.48
CA VAL D 140 -0.40 -13.31 -1.26
C VAL D 140 1.02 -13.82 -0.91
N THR D 141 1.89 -12.87 -0.57
CA THR D 141 3.25 -13.17 -0.19
C THR D 141 3.45 -13.01 1.31
N LEU D 142 3.72 -14.12 1.98
CA LEU D 142 3.97 -14.14 3.41
C LEU D 142 5.49 -14.34 3.63
N GLY D 143 5.99 -13.82 4.74
CA GLY D 143 7.39 -13.98 5.07
C GLY D 143 7.74 -14.64 6.42
N CYS D 144 8.83 -15.36 6.51
CA CYS D 144 9.23 -15.96 7.77
C CYS D 144 10.68 -15.48 8.04
N LEU D 145 10.92 -14.68 9.09
CA LEU D 145 12.29 -14.18 9.42
C LEU D 145 12.94 -14.89 10.64
N VAL D 146 14.01 -15.64 10.35
CA VAL D 146 14.82 -16.43 11.29
C VAL D 146 15.95 -15.56 11.74
N LYS D 147 15.76 -14.83 12.85
CA LYS D 147 16.77 -13.85 13.31
C LYS D 147 17.81 -14.15 14.38
N GLY D 148 19.05 -13.78 14.02
CA GLY D 148 20.18 -13.94 14.89
C GLY D 148 20.42 -15.35 15.35
N TYR D 149 21.09 -16.16 14.55
CA TYR D 149 21.35 -17.54 14.94
C TYR D 149 22.76 -17.98 14.55
N PHE D 150 23.21 -19.08 15.15
CA PHE D 150 24.53 -19.63 14.90
C PHE D 150 24.48 -21.09 15.34
N PRO D 151 25.02 -21.99 14.52
CA PRO D 151 25.71 -21.98 13.22
C PRO D 151 24.83 -21.96 11.96
N GLU D 152 25.50 -21.91 10.81
CA GLU D 152 24.86 -21.81 9.48
C GLU D 152 23.88 -22.84 8.88
N PRO D 153 23.81 -24.06 9.43
CA PRO D 153 22.79 -24.81 8.72
C PRO D 153 21.43 -24.59 9.42
N VAL D 154 20.50 -23.97 8.71
CA VAL D 154 19.14 -23.78 9.20
C VAL D 154 18.31 -23.95 7.98
N THR D 155 17.31 -24.83 8.06
CA THR D 155 16.42 -25.02 6.92
C THR D 155 14.99 -24.92 7.35
N LEU D 156 14.29 -24.04 6.66
CA LEU D 156 12.87 -23.84 6.87
C LEU D 156 12.09 -24.25 5.59
N THR D 157 10.87 -24.75 5.80
CA THR D 157 9.96 -25.17 4.74
C THR D 157 8.59 -24.50 5.04
N TRP D 158 7.56 -24.83 4.25
CA TRP D 158 6.20 -24.32 4.48
C TRP D 158 5.19 -25.45 4.41
N ASN D 159 4.27 -25.49 5.37
CA ASN D 159 3.26 -26.55 5.43
C ASN D 159 3.97 -27.85 5.08
N SER D 160 5.14 -28.02 5.70
CA SER D 160 5.99 -29.19 5.53
C SER D 160 6.13 -29.74 4.10
N GLY D 161 6.55 -28.91 3.16
CA GLY D 161 6.75 -29.40 1.81
C GLY D 161 5.54 -29.55 0.91
N SER D 162 4.42 -28.91 1.27
CA SER D 162 3.26 -28.94 0.40
C SER D 162 3.66 -27.80 -0.49
N LEU D 163 3.42 -26.59 -0.03
CA LEU D 163 3.80 -25.43 -0.79
C LEU D 163 5.31 -25.50 -0.92
N SER D 164 5.78 -25.78 -2.12
CA SER D 164 7.21 -25.84 -2.36
C SER D 164 7.57 -24.89 -3.50
N SER D 165 6.57 -24.13 -3.96
CA SER D 165 6.73 -23.10 -5.00
C SER D 165 6.37 -21.72 -4.43
N GLY D 166 6.62 -20.69 -5.19
CA GLY D 166 6.33 -19.36 -4.70
C GLY D 166 7.37 -18.93 -3.68
N VAL D 167 8.00 -19.92 -3.04
CA VAL D 167 9.07 -19.72 -2.01
C VAL D 167 10.45 -19.28 -2.52
N HIS D 168 10.93 -18.21 -1.90
CA HIS D 168 12.23 -17.61 -2.19
C HIS D 168 12.80 -17.53 -0.79
N THR D 169 13.85 -18.30 -0.53
CA THR D 169 14.50 -18.33 0.79
C THR D 169 15.89 -17.70 0.62
N PHE D 170 16.02 -16.48 1.13
CA PHE D 170 17.23 -15.70 0.99
C PHE D 170 18.45 -16.19 1.77
N PRO D 171 19.64 -15.90 1.23
CA PRO D 171 20.89 -16.32 1.87
C PRO D 171 21.10 -15.68 3.21
N ALA D 172 21.72 -16.43 4.11
CA ALA D 172 22.00 -15.95 5.46
C ALA D 172 23.19 -15.05 5.55
N VAL D 173 22.97 -13.87 6.12
CA VAL D 173 24.02 -12.89 6.28
C VAL D 173 24.49 -12.74 7.73
N LEU D 174 25.81 -12.66 7.88
CA LEU D 174 26.51 -12.50 9.16
C LEU D 174 26.24 -11.09 9.72
N GLN D 175 25.20 -10.98 10.53
CA GLN D 175 24.83 -9.71 11.09
C GLN D 175 25.37 -9.61 12.53
N SER D 176 26.49 -8.89 12.65
CA SER D 176 27.17 -8.68 13.92
C SER D 176 27.21 -9.92 14.80
N ASP D 177 28.07 -10.88 14.44
CA ASP D 177 28.28 -12.16 15.14
C ASP D 177 27.09 -13.15 15.26
N LEU D 178 26.16 -13.09 14.33
CA LEU D 178 25.00 -13.99 14.31
C LEU D 178 24.43 -13.93 12.89
N TYR D 179 23.73 -15.00 12.52
CA TYR D 179 23.14 -15.11 11.20
C TYR D 179 21.67 -14.68 11.17
N THR D 180 21.24 -14.22 10.00
CA THR D 180 19.86 -13.82 9.81
C THR D 180 19.40 -14.21 8.42
N LEU D 181 18.19 -14.75 8.37
CA LEU D 181 17.63 -15.20 7.12
C LEU D 181 16.11 -14.97 7.16
N SER D 182 15.50 -14.97 5.98
CA SER D 182 14.06 -14.80 5.78
C SER D 182 13.65 -15.61 4.57
N SER D 183 12.38 -15.92 4.47
CA SER D 183 11.86 -16.67 3.32
C SER D 183 10.52 -16.09 2.91
N SER D 184 10.28 -15.95 1.62
CA SER D 184 9.01 -15.39 1.13
C SER D 184 8.20 -16.40 0.33
N VAL D 185 7.14 -16.95 0.94
CA VAL D 185 6.26 -17.89 0.25
C VAL D 185 5.12 -17.08 -0.40
N THR D 186 4.72 -17.49 -1.59
CA THR D 186 3.64 -16.84 -2.31
C THR D 186 2.54 -17.88 -2.61
N VAL D 187 1.30 -17.47 -2.41
CA VAL D 187 0.17 -18.34 -2.63
C VAL D 187 -1.12 -17.69 -3.16
N THR D 188 -2.04 -18.53 -3.60
CA THR D 188 -3.31 -18.10 -4.11
C THR D 188 -4.06 -17.31 -3.06
N SER D 189 -5.05 -16.50 -3.47
CA SER D 189 -5.84 -15.68 -2.54
C SER D 189 -6.64 -16.44 -1.50
N SER D 190 -7.51 -17.32 -1.95
CA SER D 190 -8.33 -18.11 -1.05
C SER D 190 -7.55 -18.92 -0.01
N PRO D 191 -6.27 -19.28 -0.30
CA PRO D 191 -5.48 -20.03 0.69
C PRO D 191 -5.37 -19.43 2.10
N ARG D 192 -4.58 -18.37 2.25
CA ARG D 192 -4.48 -17.78 3.55
C ARG D 192 -5.35 -16.52 3.61
N PRO D 193 -6.10 -16.32 4.72
CA PRO D 193 -6.21 -17.12 5.94
C PRO D 193 -6.96 -18.42 5.97
N SER D 194 -7.73 -18.75 4.91
CA SER D 194 -8.56 -19.99 4.88
C SER D 194 -8.07 -21.08 5.79
N GLU D 195 -6.82 -21.48 5.58
CA GLU D 195 -6.12 -22.44 6.41
C GLU D 195 -4.71 -21.87 6.54
N THR D 196 -3.95 -22.43 7.46
CA THR D 196 -2.63 -21.91 7.75
C THR D 196 -1.42 -22.25 6.92
N VAL D 197 -0.64 -21.21 6.65
CA VAL D 197 0.59 -21.31 5.89
C VAL D 197 1.61 -21.24 6.99
N THR D 198 2.21 -22.38 7.31
CA THR D 198 3.22 -22.48 8.35
C THR D 198 4.66 -22.61 7.79
N CYS D 199 5.61 -21.86 8.35
CA CYS D 199 7.00 -22.01 7.93
C CYS D 199 7.65 -22.82 9.04
N ASN D 200 8.11 -24.02 8.66
CA ASN D 200 8.78 -24.91 9.59
C ASN D 200 10.24 -24.58 9.56
N VAL D 201 10.70 -23.91 10.59
CA VAL D 201 12.11 -23.52 10.72
C VAL D 201 12.83 -24.66 11.41
N ALA D 202 14.10 -24.85 11.06
CA ALA D 202 14.87 -25.93 11.67
C ALA D 202 16.32 -25.57 11.96
N HIS D 203 16.72 -25.74 13.22
CA HIS D 203 18.11 -25.50 13.58
C HIS D 203 18.58 -26.85 14.06
N PRO D 204 19.49 -27.47 13.31
CA PRO D 204 20.03 -28.79 13.67
C PRO D 204 20.94 -28.58 14.87
N ALA D 205 21.85 -27.64 14.72
CA ALA D 205 22.80 -27.26 15.74
C ALA D 205 22.24 -27.22 17.13
N SER D 206 21.01 -26.76 17.26
CA SER D 206 20.40 -26.62 18.57
C SER D 206 19.13 -27.43 18.69
N SER D 207 18.85 -28.22 17.68
CA SER D 207 17.65 -29.02 17.66
C SER D 207 16.41 -28.15 17.88
N THR D 208 16.53 -26.87 17.50
CA THR D 208 15.43 -25.92 17.60
C THR D 208 14.57 -26.01 16.33
N LYS D 209 13.58 -26.89 16.36
CA LYS D 209 12.71 -27.04 15.21
C LYS D 209 11.37 -26.40 15.54
N VAL D 210 11.13 -25.24 14.94
CA VAL D 210 9.90 -24.46 15.15
C VAL D 210 8.96 -24.40 13.98
N ASP D 211 7.72 -24.75 14.23
CA ASP D 211 6.69 -24.65 13.22
C ASP D 211 6.06 -23.30 13.64
N LYS D 212 6.03 -22.36 12.71
CA LYS D 212 5.49 -21.06 13.01
C LYS D 212 4.35 -20.75 12.01
N LYS D 213 3.18 -20.42 12.56
CA LYS D 213 1.99 -20.08 11.79
C LYS D 213 1.94 -18.58 11.58
N ILE D 214 1.87 -18.20 10.31
CA ILE D 214 1.80 -16.82 9.86
C ILE D 214 0.49 -16.32 10.36
N VAL D 215 0.53 -15.75 11.58
CA VAL D 215 -0.61 -15.20 12.33
C VAL D 215 -1.69 -16.26 12.61
CP 1PC E . -42.54 45.00 13.64
CA 1PC E . -42.11 41.98 9.70
CB 1PC E . -43.43 41.49 9.84
CC 1PC E . -44.38 41.64 8.75
CD 1PC E . -44.01 42.32 7.51
CE 1PC E . -42.73 42.81 7.40
CF 1PC E . -41.78 42.65 8.45
CG 1PC E . -41.02 41.81 10.86
CH 1PC E . -41.00 40.35 11.53
CI 1PC E . -40.81 39.33 10.41
CJ 1PC E . -39.40 39.43 9.79
CK 1PC E . -39.12 40.88 9.33
CL 1PC E . -39.50 41.91 10.40
NM 1PC E . -41.15 42.88 12.00
CN 1PC E . -41.31 44.34 11.50
CO 1PC E . -41.42 45.35 12.66
CQ 1PC E . -42.32 43.55 14.15
CR 1PC E . -42.25 42.55 13.03
CP 1PC F . 44.01 -43.38 -13.51
CA 1PC F . 41.67 -42.28 -9.38
CB 1PC F . 41.00 -43.47 -9.04
CC 1PC F . 41.38 -44.28 -7.94
CD 1PC F . 42.48 -43.88 -7.11
CE 1PC F . 43.14 -42.69 -7.44
CF 1PC F . 42.76 -41.90 -8.54
CG 1PC F . 41.21 -41.41 -10.59
CH 1PC F . 39.64 -41.67 -10.94
CI 1PC F . 38.82 -41.24 -9.74
CJ 1PC F . 38.92 -39.67 -9.59
CK 1PC F . 40.38 -39.26 -9.29
CL 1PC F . 41.27 -39.81 -10.43
NM 1PC F . 42.06 -41.77 -11.87
CN 1PC F . 43.59 -41.61 -11.77
CO 1PC F . 44.26 -41.95 -13.10
CQ 1PC F . 42.48 -43.60 -13.58
CR 1PC F . 41.75 -43.16 -12.34
#